data_3AHJ
#
_entry.id   3AHJ
#
_cell.length_a   175.077
_cell.length_b   175.077
_cell.length_c   163.996
_cell.angle_alpha   90.00
_cell.angle_beta   90.00
_cell.angle_gamma   90.00
#
_symmetry.space_group_name_H-M   'I 4 2 2'
#
loop_
_entity.id
_entity.type
_entity.pdbx_description
1 polymer 'Xylulose 5-phosphate/fructose 6-phosphate phosphoketolase'
2 non-polymer 'MAGNESIUM ION'
3 non-polymer 'THIAMINE DIPHOSPHATE'
4 non-polymer 1,2-ETHANEDIOL
5 water water
#
_entity_poly.entity_id   1
_entity_poly.type   'polypeptide(L)'
_entity_poly.pdbx_seq_one_letter_code
;MGSSHHHHHHSSGLVPRGSHMTNPVIGTPWQKLDRPVSEEAIEGMDKYWRVTNYMSIGQIYLRSNPLMKEPFTRDDVKHR
LVGHWGTTPGLNFLLAHINRLIADHQQNTVFIMGPGHGGPAGTSQSYVDGTYTEYYPNITKDEAGLQKFFRQFSYPGGIP
SHFAPETPGSIHEGGELGYALSHAYGAVMNNPSLFVPCIIGDGEAETGPLATGWQSNKLVNPRTDGIVLPILHLNGYKIA
NPTILARISDEELHDFFRGMGYHPYEFVAGFDNEDHMSIHRRFAELFETIFDEICDIKAAAQTDDMTRPFYPMLIFRTPK
GWTCPKFIDGKKTEGSWRAHQVPLASARDTEEHFEVLKGWMESYKPEELFNADGSIKDDVTAFMPKGELRIGANPNANGG
VIREDLKLPELDQYEVTGVKEYGHGWGQVEAPRALGAYCRDIIKNNPDSFRIFGPDETASNRLNATYEVTDKQWDNGYLS
GLVDEHMAVTGQVTEQLSEHQCEGFLEAYLLTGRHGIWSSYESFVHVIDSMLNQHAKWLEATVREIPWRKPISSVNLLVS
SHVWRQDHNGFSAQDPGVTSLLINKTFNNDHVTNIYFATDANMLLAISEKCFKSTNKINAIFAGKQPAPTWVTLDEARAE
LEAGAAEWKWASNAENNDEVQVVLASAGDVPTQELMAASDALNKMGIKFKVVNVVDLLKLQSRENNDEALTDEEFTELFT
ADKPVLFAYHSYAQDVRGLIYDRPNHDNFHVVGYKEQGSTTTPFDMVRVNDMDRYALQAAALKLIDADKYADKIDELNAF
RKKAFQFAVDNGYDIPEFTDWVYPDVKVDETQMLSATAATAGDNE
;
_entity_poly.pdbx_strand_id   A
#
loop_
_chem_comp.id
_chem_comp.type
_chem_comp.name
_chem_comp.formula
EDO non-polymer 1,2-ETHANEDIOL 'C2 H6 O2'
MG non-polymer 'MAGNESIUM ION' 'Mg 2'
TPP non-polymer 'THIAMINE DIPHOSPHATE' 'C12 H19 N4 O7 P2 S 1'
#
# COMPACT_ATOMS: atom_id res chain seq x y z
N VAL A 25 7.77 26.01 5.42
CA VAL A 25 6.40 25.90 6.18
C VAL A 25 5.25 26.29 5.23
N ILE A 26 4.19 25.47 5.09
CA ILE A 26 3.04 25.85 4.23
C ILE A 26 1.99 26.60 5.09
N GLY A 27 1.68 27.84 4.74
CA GLY A 27 0.61 28.61 5.39
C GLY A 27 0.95 28.93 6.82
N THR A 28 -0.08 29.08 7.64
CA THR A 28 0.11 29.49 9.04
C THR A 28 -0.68 28.41 9.84
N PRO A 29 0.02 27.38 10.34
CA PRO A 29 -0.67 26.15 10.81
C PRO A 29 -1.43 26.40 12.12
N TRP A 30 -2.64 25.83 12.28
CA TRP A 30 -3.33 25.79 13.59
C TRP A 30 -3.62 27.20 14.15
N GLN A 31 -4.12 28.05 13.28
CA GLN A 31 -4.50 29.42 13.67
C GLN A 31 -6.01 29.49 13.73
N LYS A 32 -6.54 30.07 14.79
CA LYS A 32 -7.96 30.32 14.92
C LYS A 32 -8.33 31.58 14.18
N LEU A 33 -9.58 31.69 13.77
CA LEU A 33 -10.13 32.95 13.24
C LEU A 33 -10.42 34.05 14.26
N ASP A 34 -11.04 33.77 15.40
CA ASP A 34 -11.45 34.93 16.28
C ASP A 34 -12.43 36.00 15.60
N ARG A 35 -13.23 35.58 14.62
CA ARG A 35 -14.35 36.35 14.07
C ARG A 35 -15.33 35.33 13.41
N PRO A 36 -16.64 35.69 13.22
CA PRO A 36 -17.49 34.79 12.47
C PRO A 36 -16.99 34.61 11.01
N VAL A 37 -17.40 33.52 10.39
CA VAL A 37 -17.23 33.36 8.96
C VAL A 37 -18.01 34.45 8.28
N SER A 38 -17.39 35.12 7.31
CA SER A 38 -18.05 36.22 6.58
C SER A 38 -19.27 35.74 5.75
N GLU A 39 -20.25 36.63 5.54
CA GLU A 39 -21.39 36.28 4.74
C GLU A 39 -20.97 36.06 3.25
N GLU A 40 -19.91 36.73 2.81
CA GLU A 40 -19.31 36.57 1.48
C GLU A 40 -18.81 35.12 1.31
N ALA A 41 -18.24 34.56 2.38
CA ALA A 41 -17.72 33.19 2.28
C ALA A 41 -18.89 32.20 2.25
N ILE A 42 -19.95 32.46 3.02
CA ILE A 42 -21.13 31.62 2.92
C ILE A 42 -21.69 31.64 1.50
N GLU A 43 -21.81 32.82 0.92
CA GLU A 43 -22.32 32.92 -0.43
C GLU A 43 -21.47 32.12 -1.48
N GLY A 44 -20.15 32.18 -1.34
CA GLY A 44 -19.25 31.48 -2.32
C GLY A 44 -19.34 29.97 -2.17
N MET A 45 -19.42 29.50 -0.90
CA MET A 45 -19.60 28.08 -0.61
C MET A 45 -20.88 27.54 -1.19
N ASP A 46 -21.99 28.29 -1.10
CA ASP A 46 -23.22 27.84 -1.75
C ASP A 46 -23.02 27.74 -3.28
N LYS A 47 -22.34 28.73 -3.86
CA LYS A 47 -22.04 28.69 -5.31
C LYS A 47 -21.11 27.54 -5.69
N TYR A 48 -20.11 27.26 -4.86
CA TYR A 48 -19.24 26.12 -5.08
C TYR A 48 -20.08 24.83 -5.06
N TRP A 49 -20.93 24.72 -4.03
CA TRP A 49 -21.69 23.51 -3.89
C TRP A 49 -22.57 23.31 -5.13
N ARG A 50 -23.25 24.36 -5.56
CA ARG A 50 -24.14 24.27 -6.72
C ARG A 50 -23.35 23.94 -8.03
N VAL A 51 -22.17 24.58 -8.23
CA VAL A 51 -21.40 24.41 -9.49
C VAL A 51 -20.76 22.99 -9.55
N THR A 52 -20.27 22.48 -8.42
CA THR A 52 -19.70 21.15 -8.35
C THR A 52 -20.79 20.05 -8.41
N ASN A 53 -21.96 20.29 -7.81
CA ASN A 53 -23.11 19.39 -8.06
C ASN A 53 -23.49 19.36 -9.54
N TYR A 54 -23.59 20.54 -10.12
CA TYR A 54 -23.96 20.67 -11.53
C TYR A 54 -22.94 19.95 -12.40
N MET A 55 -21.65 20.19 -12.17
CA MET A 55 -20.63 19.58 -13.05
C MET A 55 -20.47 18.06 -12.82
N SER A 56 -20.89 17.62 -11.64
CA SER A 56 -20.81 16.24 -11.30
C SER A 56 -21.91 15.55 -12.07
N ILE A 57 -23.11 16.16 -12.13
CA ILE A 57 -24.17 15.55 -12.86
C ILE A 57 -23.77 15.60 -14.39
N GLY A 58 -23.17 16.69 -14.82
CA GLY A 58 -22.70 16.82 -16.20
C GLY A 58 -21.71 15.73 -16.63
N GLN A 59 -20.76 15.43 -15.74
CA GLN A 59 -19.78 14.35 -15.96
C GLN A 59 -20.43 12.99 -16.10
N ILE A 60 -21.47 12.74 -15.32
CA ILE A 60 -22.15 11.48 -15.42
C ILE A 60 -23.06 11.37 -16.66
N TYR A 61 -23.76 12.43 -17.02
CA TYR A 61 -24.91 12.28 -17.94
C TYR A 61 -24.67 12.84 -19.34
N LEU A 62 -23.75 13.82 -19.48
CA LEU A 62 -23.72 14.63 -20.71
C LEU A 62 -22.50 14.43 -21.59
N ARG A 63 -22.78 14.13 -22.85
CA ARG A 63 -21.70 13.94 -23.83
C ARG A 63 -21.47 15.24 -24.56
N SER A 64 -22.46 16.12 -24.58
CA SER A 64 -22.27 17.42 -25.26
C SER A 64 -23.20 18.42 -24.61
N ASN A 65 -23.04 19.68 -24.99
CA ASN A 65 -23.91 20.78 -24.62
C ASN A 65 -23.94 20.98 -23.05
N PRO A 66 -22.80 21.29 -22.45
CA PRO A 66 -22.71 21.29 -20.97
C PRO A 66 -23.51 22.40 -20.28
N LEU A 67 -23.76 23.50 -21.01
CA LEU A 67 -24.53 24.63 -20.48
C LEU A 67 -25.97 24.58 -20.91
N MET A 68 -26.37 23.47 -21.51
CA MET A 68 -27.80 23.34 -21.86
C MET A 68 -28.30 24.42 -22.81
N LYS A 69 -27.47 24.73 -23.80
CA LYS A 69 -27.82 25.80 -24.73
C LYS A 69 -28.86 25.26 -25.76
N GLU A 70 -29.79 26.09 -26.15
CA GLU A 70 -30.84 25.67 -27.10
C GLU A 70 -30.27 25.15 -28.49
N PRO A 71 -30.65 23.93 -29.00
CA PRO A 71 -31.52 22.97 -28.33
C PRO A 71 -30.79 22.00 -27.38
N PHE A 72 -31.41 21.79 -26.22
CA PHE A 72 -30.87 20.81 -25.28
C PHE A 72 -31.80 19.63 -25.38
N THR A 73 -31.29 18.46 -25.77
CA THR A 73 -32.15 17.29 -26.02
C THR A 73 -31.48 16.03 -25.54
N ARG A 74 -32.22 14.95 -25.60
CA ARG A 74 -31.70 13.63 -25.32
C ARG A 74 -30.47 13.26 -26.10
N ASP A 75 -30.28 13.87 -27.28
CA ASP A 75 -29.14 13.54 -28.06
C ASP A 75 -27.88 13.96 -27.30
N ASP A 76 -28.04 14.91 -26.37
CA ASP A 76 -26.84 15.36 -25.58
C ASP A 76 -26.45 14.42 -24.43
N VAL A 77 -27.32 13.43 -24.14
CA VAL A 77 -27.10 12.51 -23.02
C VAL A 77 -26.20 11.32 -23.46
N LYS A 78 -25.28 10.91 -22.60
CA LYS A 78 -24.43 9.75 -22.86
C LYS A 78 -25.21 8.44 -23.11
N HIS A 79 -24.62 7.62 -23.96
CA HIS A 79 -25.27 6.39 -24.42
C HIS A 79 -25.08 5.31 -23.35
N ARG A 80 -23.95 5.40 -22.64
CA ARG A 80 -23.69 4.51 -21.50
C ARG A 80 -23.58 5.31 -20.15
N LEU A 81 -24.63 5.28 -19.35
CA LEU A 81 -24.67 6.14 -18.09
C LEU A 81 -23.98 5.40 -16.96
N VAL A 82 -22.76 5.82 -16.60
CA VAL A 82 -22.03 5.08 -15.54
C VAL A 82 -21.51 6.06 -14.50
N GLY A 83 -21.45 5.65 -13.22
CA GLY A 83 -21.07 6.64 -12.21
C GLY A 83 -21.84 6.50 -10.91
N HIS A 84 -21.56 7.43 -9.95
CA HIS A 84 -22.13 7.31 -8.61
C HIS A 84 -22.53 8.66 -8.15
N TRP A 85 -23.81 8.92 -8.22
CA TRP A 85 -24.31 10.21 -7.77
C TRP A 85 -24.40 10.25 -6.22
N GLY A 86 -24.79 9.15 -5.57
CA GLY A 86 -25.28 9.23 -4.16
C GLY A 86 -24.35 9.96 -3.16
N THR A 87 -23.09 9.53 -3.12
CA THR A 87 -22.16 10.08 -2.18
C THR A 87 -21.81 11.54 -2.52
N THR A 88 -21.79 11.82 -3.81
CA THR A 88 -21.24 13.02 -4.39
C THR A 88 -21.70 14.42 -3.91
N PRO A 89 -23.00 14.68 -3.81
CA PRO A 89 -23.38 16.02 -3.28
C PRO A 89 -22.97 16.23 -1.80
N GLY A 90 -22.83 15.16 -1.02
CA GLY A 90 -22.25 15.25 0.35
C GLY A 90 -20.79 15.60 0.33
N LEU A 91 -20.03 14.91 -0.54
CA LEU A 91 -18.62 15.27 -0.71
C LEU A 91 -18.44 16.71 -1.15
N ASN A 92 -19.31 17.17 -2.07
CA ASN A 92 -19.25 18.50 -2.63
C ASN A 92 -19.51 19.58 -1.58
N PHE A 93 -20.43 19.28 -0.67
CA PHE A 93 -20.74 20.21 0.40
C PHE A 93 -19.55 20.23 1.36
N LEU A 94 -19.01 19.09 1.74
CA LEU A 94 -17.82 19.11 2.63
C LEU A 94 -16.64 19.82 2.02
N LEU A 95 -16.43 19.60 0.70
CA LEU A 95 -15.31 20.21 0.02
C LEU A 95 -15.45 21.74 -0.03
N ALA A 96 -16.67 22.23 -0.20
CA ALA A 96 -16.85 23.69 -0.13
C ALA A 96 -16.37 24.19 1.23
N HIS A 97 -16.81 23.51 2.28
CA HIS A 97 -16.48 24.01 3.59
C HIS A 97 -15.01 23.79 3.96
N ILE A 98 -14.38 22.71 3.45
CA ILE A 98 -12.97 22.45 3.74
C ILE A 98 -12.16 23.51 2.95
N ASN A 99 -12.53 23.78 1.69
CA ASN A 99 -11.88 24.86 0.94
C ASN A 99 -11.96 26.22 1.70
N ARG A 100 -13.15 26.51 2.22
CA ARG A 100 -13.36 27.82 2.94
C ARG A 100 -12.42 27.84 4.15
N LEU A 101 -12.35 26.70 4.83
CA LEU A 101 -11.49 26.56 6.03
C LEU A 101 -10.00 26.78 5.71
N ILE A 102 -9.52 26.08 4.67
CA ILE A 102 -8.14 26.23 4.23
C ILE A 102 -7.78 27.68 3.94
N ALA A 103 -8.65 28.38 3.21
CA ALA A 103 -8.42 29.72 2.84
C ALA A 103 -8.40 30.71 4.07
N ASP A 104 -9.41 30.61 4.93
CA ASP A 104 -9.52 31.56 6.08
C ASP A 104 -8.39 31.35 7.06
N HIS A 105 -7.99 30.08 7.24
CA HIS A 105 -6.95 29.75 8.23
C HIS A 105 -5.57 29.58 7.65
N GLN A 106 -5.45 29.64 6.33
CA GLN A 106 -4.22 29.28 5.64
C GLN A 106 -3.64 27.98 6.13
N GLN A 107 -4.46 26.92 6.11
CA GLN A 107 -4.10 25.70 6.80
C GLN A 107 -3.61 24.68 5.77
N ASN A 108 -2.38 24.19 5.94
CA ASN A 108 -1.79 23.08 5.11
C ASN A 108 -2.74 21.81 5.25
N THR A 109 -3.33 21.36 4.18
CA THR A 109 -4.45 20.39 4.25
C THR A 109 -4.41 19.39 3.06
N VAL A 110 -4.58 18.11 3.35
CA VAL A 110 -4.86 17.05 2.36
C VAL A 110 -6.13 16.39 2.88
N PHE A 111 -7.12 16.17 2.03
CA PHE A 111 -8.30 15.38 2.46
C PHE A 111 -8.22 13.96 1.93
N ILE A 112 -8.99 13.05 2.56
CA ILE A 112 -9.08 11.70 2.04
C ILE A 112 -10.51 11.47 1.60
N MET A 113 -10.67 10.98 0.37
CA MET A 113 -12.02 10.62 -0.10
C MET A 113 -12.28 9.13 0.11
N GLY A 114 -12.68 8.75 1.30
CA GLY A 114 -13.06 7.38 1.56
C GLY A 114 -13.98 6.80 0.50
N PRO A 115 -15.07 7.48 0.23
CA PRO A 115 -16.00 7.00 -0.85
C PRO A 115 -15.48 7.42 -2.22
N GLY A 116 -14.41 6.75 -2.67
CA GLY A 116 -13.63 7.21 -3.85
C GLY A 116 -14.42 7.05 -5.13
N HIS A 117 -15.58 6.36 -5.03
CA HIS A 117 -16.50 6.28 -6.19
C HIS A 117 -17.16 7.64 -6.40
N GLY A 118 -16.94 8.55 -5.44
CA GLY A 118 -17.39 9.93 -5.73
C GLY A 118 -16.37 10.76 -6.53
N GLY A 119 -15.75 10.14 -7.54
CA GLY A 119 -14.78 10.82 -8.42
C GLY A 119 -15.20 12.18 -8.93
N PRO A 120 -16.44 12.32 -9.40
CA PRO A 120 -16.78 13.63 -9.87
C PRO A 120 -16.65 14.79 -8.91
N ALA A 121 -16.75 14.52 -7.62
CA ALA A 121 -16.54 15.56 -6.62
C ALA A 121 -15.08 15.98 -6.59
N GLY A 122 -14.21 15.01 -6.86
CA GLY A 122 -12.81 15.26 -6.78
C GLY A 122 -12.25 15.89 -8.04
N THR A 123 -12.71 15.42 -9.20
CA THR A 123 -12.38 16.17 -10.43
C THR A 123 -13.02 17.61 -10.42
N SER A 124 -14.28 17.75 -9.99
CA SER A 124 -14.85 19.10 -9.90
C SER A 124 -14.05 20.03 -9.02
N GLN A 125 -13.59 19.50 -7.90
CA GLN A 125 -12.78 20.32 -6.95
C GLN A 125 -11.56 20.84 -7.70
N SER A 126 -10.88 19.96 -8.46
CA SER A 126 -9.58 20.39 -9.07
C SER A 126 -9.87 21.37 -10.23
N TYR A 127 -10.98 21.15 -10.93
CA TYR A 127 -11.35 22.03 -12.02
C TYR A 127 -11.69 23.45 -11.48
N VAL A 128 -12.45 23.49 -10.38
CA VAL A 128 -12.75 24.78 -9.74
C VAL A 128 -11.49 25.42 -9.16
N ASP A 129 -10.61 24.67 -8.49
CA ASP A 129 -9.41 25.32 -7.88
C ASP A 129 -8.37 25.73 -8.91
N GLY A 130 -8.54 25.30 -10.17
CA GLY A 130 -7.64 25.74 -11.24
C GLY A 130 -6.53 24.72 -11.53
N THR A 131 -6.23 23.81 -10.62
CA THR A 131 -5.22 22.77 -10.90
C THR A 131 -5.58 21.82 -12.06
N TYR A 132 -6.86 21.57 -12.31
CA TYR A 132 -7.19 20.63 -13.40
C TYR A 132 -6.62 21.14 -14.77
N THR A 133 -6.87 22.42 -15.04
CA THR A 133 -6.44 23.08 -16.30
C THR A 133 -4.92 23.21 -16.29
N GLU A 134 -4.34 23.47 -15.12
CA GLU A 134 -2.83 23.57 -15.01
C GLU A 134 -2.16 22.22 -15.36
N TYR A 135 -2.80 21.10 -14.96
CA TYR A 135 -2.23 19.81 -15.26
C TYR A 135 -2.68 19.25 -16.60
N TYR A 136 -3.90 19.59 -17.02
CA TYR A 136 -4.52 19.15 -18.24
C TYR A 136 -4.90 20.32 -19.12
N PRO A 137 -3.90 20.94 -19.82
CA PRO A 137 -4.17 22.17 -20.58
C PRO A 137 -5.28 22.13 -21.60
N ASN A 138 -5.65 20.95 -22.09
CA ASN A 138 -6.73 20.86 -23.07
C ASN A 138 -8.13 21.06 -22.40
N ILE A 139 -8.22 20.82 -21.10
CA ILE A 139 -9.50 20.94 -20.39
C ILE A 139 -9.59 22.39 -19.84
N THR A 140 -10.01 23.30 -20.70
CA THR A 140 -9.75 24.72 -20.45
C THR A 140 -10.97 25.25 -19.64
N LYS A 141 -10.84 26.47 -19.14
CA LYS A 141 -11.92 27.11 -18.34
C LYS A 141 -12.93 27.87 -19.12
N ASP A 142 -13.71 27.17 -19.96
CA ASP A 142 -14.61 27.83 -20.84
C ASP A 142 -15.54 26.78 -21.40
N GLU A 143 -16.50 27.14 -22.26
CA GLU A 143 -17.51 26.17 -22.65
C GLU A 143 -16.89 24.94 -23.35
N ALA A 144 -15.88 25.16 -24.17
CA ALA A 144 -15.27 24.00 -24.89
C ALA A 144 -14.60 23.05 -23.89
N GLY A 145 -13.88 23.60 -22.92
CA GLY A 145 -13.19 22.76 -21.91
C GLY A 145 -14.19 21.97 -21.04
N LEU A 146 -15.33 22.60 -20.77
CA LEU A 146 -16.34 22.11 -19.86
C LEU A 146 -17.02 20.97 -20.62
N GLN A 147 -17.24 21.12 -21.93
CA GLN A 147 -17.87 20.02 -22.71
C GLN A 147 -16.94 18.81 -22.67
N LYS A 148 -15.64 19.08 -22.79
CA LYS A 148 -14.67 17.98 -22.82
C LYS A 148 -14.60 17.36 -21.42
N PHE A 149 -14.65 18.21 -20.41
CA PHE A 149 -14.62 17.71 -19.00
C PHE A 149 -15.83 16.79 -18.70
N PHE A 150 -17.02 17.17 -19.12
CA PHE A 150 -18.16 16.30 -18.90
C PHE A 150 -18.00 14.95 -19.64
N ARG A 151 -17.70 15.02 -20.95
CA ARG A 151 -17.66 13.80 -21.76
C ARG A 151 -16.61 12.83 -21.22
N GLN A 152 -15.42 13.29 -20.89
CA GLN A 152 -14.34 12.38 -20.61
C GLN A 152 -14.53 11.54 -19.32
N PHE A 153 -15.39 11.97 -18.39
CA PHE A 153 -15.55 11.19 -17.14
C PHE A 153 -16.08 9.76 -17.40
N SER A 154 -15.35 8.75 -16.94
CA SER A 154 -15.73 7.35 -17.07
C SER A 154 -16.00 6.99 -18.52
N TYR A 155 -15.14 7.45 -19.42
CA TYR A 155 -15.52 7.37 -20.84
C TYR A 155 -14.30 6.80 -21.62
N PRO A 156 -14.54 6.01 -22.69
CA PRO A 156 -13.39 5.39 -23.42
C PRO A 156 -12.45 6.48 -23.84
N GLY A 157 -11.17 6.37 -23.49
CA GLY A 157 -10.12 7.34 -23.88
C GLY A 157 -10.03 8.50 -22.83
N GLY A 158 -10.98 8.49 -21.88
CA GLY A 158 -11.07 9.62 -20.92
C GLY A 158 -10.45 9.28 -19.57
N ILE A 159 -11.23 9.47 -18.48
CA ILE A 159 -10.62 9.38 -17.15
C ILE A 159 -11.43 8.40 -16.29
N PRO A 160 -10.88 7.97 -15.16
CA PRO A 160 -11.54 6.98 -14.39
C PRO A 160 -12.85 7.43 -13.62
N SER A 161 -13.59 6.47 -13.07
CA SER A 161 -14.82 6.76 -12.28
C SER A 161 -14.52 7.22 -10.85
N HIS A 162 -13.32 6.93 -10.32
CA HIS A 162 -12.96 7.13 -8.94
C HIS A 162 -11.96 8.28 -8.79
N PHE A 163 -11.64 8.62 -7.55
CA PHE A 163 -10.66 9.70 -7.27
C PHE A 163 -9.22 9.16 -7.53
N ALA A 164 -8.94 8.84 -8.80
CA ALA A 164 -7.71 8.12 -9.21
C ALA A 164 -6.47 8.97 -9.08
N PRO A 165 -5.26 8.34 -9.14
CA PRO A 165 -4.00 9.08 -9.02
C PRO A 165 -3.82 10.15 -10.10
N GLU A 166 -4.53 10.03 -11.19
CA GLU A 166 -4.45 11.09 -12.16
C GLU A 166 -5.27 12.39 -11.79
N THR A 167 -5.89 12.43 -10.62
CA THR A 167 -6.65 13.63 -10.26
C THR A 167 -5.76 14.38 -9.30
N PRO A 168 -5.55 15.67 -9.52
CA PRO A 168 -4.76 16.47 -8.55
C PRO A 168 -5.50 16.53 -7.21
N GLY A 169 -4.77 16.39 -6.10
CA GLY A 169 -5.45 16.28 -4.79
C GLY A 169 -5.70 14.92 -4.18
N SER A 170 -5.59 13.87 -5.01
CA SER A 170 -5.63 12.50 -4.55
C SER A 170 -4.34 11.87 -4.06
N ILE A 171 -4.37 11.29 -2.83
CA ILE A 171 -3.42 10.27 -2.45
C ILE A 171 -4.13 8.95 -2.09
N HIS A 172 -5.37 8.78 -2.53
CA HIS A 172 -6.22 7.69 -2.04
C HIS A 172 -7.37 7.59 -2.97
N GLU A 173 -7.38 6.51 -3.73
CA GLU A 173 -8.45 6.35 -4.72
C GLU A 173 -9.82 5.88 -4.16
N GLY A 174 -9.74 5.11 -3.12
CA GLY A 174 -10.99 4.65 -2.46
C GLY A 174 -11.87 3.76 -3.30
N GLY A 175 -11.23 2.94 -4.13
CA GLY A 175 -11.97 1.97 -5.05
C GLY A 175 -12.27 0.74 -4.20
N GLU A 176 -11.27 0.24 -3.48
CA GLU A 176 -11.46 -0.83 -2.53
C GLU A 176 -11.53 -0.12 -1.14
N LEU A 177 -12.70 -0.22 -0.50
CA LEU A 177 -13.03 0.61 0.70
C LEU A 177 -12.28 0.06 1.90
N GLY A 178 -11.90 0.92 2.85
CA GLY A 178 -11.48 0.35 4.15
C GLY A 178 -10.22 1.04 4.60
N TYR A 179 -9.50 1.71 3.69
CA TYR A 179 -8.15 2.21 4.09
C TYR A 179 -8.10 3.71 4.35
N ALA A 180 -9.27 4.34 4.45
CA ALA A 180 -9.26 5.80 4.61
C ALA A 180 -8.49 6.32 5.78
N LEU A 181 -8.66 5.68 6.94
CA LEU A 181 -8.08 6.15 8.19
C LEU A 181 -6.60 5.76 8.32
N SER A 182 -6.20 4.53 7.96
CA SER A 182 -4.74 4.27 8.00
C SER A 182 -4.05 5.26 7.07
N HIS A 183 -4.60 5.52 5.89
CA HIS A 183 -3.90 6.49 5.06
C HIS A 183 -3.82 7.91 5.70
N ALA A 184 -4.97 8.38 6.23
CA ALA A 184 -5.04 9.76 6.85
C ALA A 184 -4.02 9.81 7.93
N TYR A 185 -3.96 8.77 8.75
CA TYR A 185 -3.00 8.84 9.90
C TYR A 185 -1.55 8.67 9.48
N GLY A 186 -1.30 7.79 8.47
CA GLY A 186 0.10 7.69 7.96
C GLY A 186 0.55 9.06 7.38
N ALA A 187 -0.35 9.74 6.66
CA ALA A 187 -0.04 11.09 6.19
C ALA A 187 0.38 12.11 7.23
N VAL A 188 -0.22 12.08 8.43
CA VAL A 188 0.13 13.12 9.40
C VAL A 188 1.34 12.73 10.24
N MET A 189 1.81 11.49 10.14
CA MET A 189 2.98 11.13 10.94
C MET A 189 4.19 11.94 10.55
N ASN A 190 4.94 12.33 11.56
CA ASN A 190 6.01 13.36 11.37
C ASN A 190 5.60 14.53 10.48
N ASN A 191 4.30 14.91 10.47
CA ASN A 191 3.95 15.97 9.57
C ASN A 191 3.18 17.02 10.44
N PRO A 192 3.89 17.71 11.39
CA PRO A 192 3.06 18.37 12.47
C PRO A 192 2.23 19.55 11.99
N SER A 193 2.52 20.12 10.82
CA SER A 193 1.71 21.23 10.29
C SER A 193 0.52 20.77 9.43
N LEU A 194 0.36 19.46 9.19
CA LEU A 194 -0.67 18.99 8.20
C LEU A 194 -2.00 18.68 8.84
N PHE A 195 -3.06 19.15 8.22
CA PHE A 195 -4.42 18.81 8.72
C PHE A 195 -5.01 17.83 7.70
N VAL A 196 -5.56 16.71 8.12
CA VAL A 196 -6.22 15.82 7.21
C VAL A 196 -7.68 15.55 7.55
N PRO A 197 -8.60 16.29 6.92
CA PRO A 197 -9.99 15.82 7.12
C PRO A 197 -10.20 14.52 6.31
N CYS A 198 -10.67 13.47 6.96
CA CYS A 198 -10.75 12.16 6.36
C CYS A 198 -12.21 11.74 6.22
N ILE A 199 -12.73 11.79 4.99
CA ILE A 199 -14.11 11.51 4.75
C ILE A 199 -14.31 10.02 4.59
N ILE A 200 -15.13 9.44 5.46
CA ILE A 200 -15.26 7.98 5.56
C ILE A 200 -16.71 7.56 5.20
N GLY A 201 -16.86 6.60 4.28
CA GLY A 201 -18.25 6.09 3.95
C GLY A 201 -18.86 5.44 5.19
N ASP A 202 -20.17 5.54 5.37
CA ASP A 202 -20.75 4.79 6.46
C ASP A 202 -20.83 3.29 6.12
N GLY A 203 -20.86 2.96 4.82
CA GLY A 203 -20.69 1.49 4.46
C GLY A 203 -19.23 1.08 4.65
N GLU A 204 -18.32 1.96 4.25
CA GLU A 204 -16.89 1.68 4.40
C GLU A 204 -16.57 1.38 5.85
N ALA A 205 -17.26 2.09 6.75
CA ALA A 205 -17.06 1.89 8.20
C ALA A 205 -17.45 0.50 8.68
N GLU A 206 -18.29 -0.23 7.93
CA GLU A 206 -18.56 -1.66 8.22
C GLU A 206 -17.40 -2.61 7.91
N THR A 207 -16.36 -2.14 7.20
CA THR A 207 -15.20 -3.05 6.89
C THR A 207 -14.27 -3.24 8.09
N GLY A 208 -13.56 -4.36 8.13
CA GLY A 208 -12.56 -4.55 9.16
C GLY A 208 -11.47 -3.49 9.21
N PRO A 209 -10.81 -3.22 8.07
CA PRO A 209 -9.70 -2.29 8.11
C PRO A 209 -10.15 -0.88 8.64
N LEU A 210 -11.31 -0.41 8.22
CA LEU A 210 -11.76 0.91 8.65
C LEU A 210 -11.99 0.87 10.18
N ALA A 211 -12.65 -0.19 10.66
CA ALA A 211 -13.02 -0.29 12.05
C ALA A 211 -11.80 -0.26 12.98
N THR A 212 -10.69 -0.92 12.62
CA THR A 212 -9.52 -0.80 13.47
C THR A 212 -8.82 0.56 13.25
N GLY A 213 -8.95 1.14 12.03
CA GLY A 213 -8.39 2.44 11.69
C GLY A 213 -8.69 3.56 12.72
N TRP A 214 -9.89 3.53 13.35
CA TRP A 214 -10.28 4.56 14.34
C TRP A 214 -9.30 4.62 15.51
N GLN A 215 -8.68 3.50 15.79
CA GLN A 215 -7.80 3.45 16.97
C GLN A 215 -6.42 4.08 16.79
N SER A 216 -6.09 4.51 15.58
CA SER A 216 -4.76 5.10 15.34
C SER A 216 -4.43 6.30 16.20
N ASN A 217 -5.47 6.94 16.81
CA ASN A 217 -5.21 8.14 17.61
C ASN A 217 -4.46 7.76 18.89
N LYS A 218 -4.29 6.46 19.19
CA LYS A 218 -3.39 6.07 20.30
C LYS A 218 -1.92 5.97 19.88
N LEU A 219 -1.64 6.21 18.59
CA LEU A 219 -0.33 5.93 18.03
C LEU A 219 0.32 7.15 17.38
N VAL A 220 -0.32 8.29 17.46
CA VAL A 220 0.21 9.58 16.95
C VAL A 220 0.37 10.55 18.12
N ASN A 221 1.29 11.51 17.98
CA ASN A 221 1.55 12.43 19.07
C ASN A 221 1.09 13.77 18.56
N PRO A 222 0.29 14.54 19.37
CA PRO A 222 -0.23 15.82 18.88
C PRO A 222 0.84 16.92 18.75
N ARG A 223 2.03 16.75 19.35
CA ARG A 223 3.09 17.76 19.10
C ARG A 223 3.88 17.41 17.83
N THR A 224 4.35 16.15 17.67
CA THR A 224 5.30 15.87 16.54
C THR A 224 4.63 15.36 15.28
N ASP A 225 3.37 14.95 15.39
CA ASP A 225 2.56 14.54 14.20
C ASP A 225 1.47 15.59 13.93
N GLY A 226 0.81 15.50 12.78
CA GLY A 226 -0.27 16.46 12.44
C GLY A 226 -1.57 15.95 13.00
N ILE A 227 -2.71 16.40 12.47
CA ILE A 227 -3.99 16.08 13.07
C ILE A 227 -4.95 15.52 12.00
N VAL A 228 -5.58 14.39 12.28
CA VAL A 228 -6.68 13.89 11.41
C VAL A 228 -8.02 14.29 12.01
N LEU A 229 -8.95 14.73 11.16
CA LEU A 229 -10.33 14.90 11.58
C LEU A 229 -11.18 13.87 10.80
N PRO A 230 -11.63 12.81 11.50
CA PRO A 230 -12.47 11.84 10.79
C PRO A 230 -13.81 12.51 10.62
N ILE A 231 -14.32 12.43 9.39
CA ILE A 231 -15.66 12.85 9.09
C ILE A 231 -16.42 11.64 8.56
N LEU A 232 -17.40 11.18 9.35
CA LEU A 232 -18.21 10.07 8.93
C LEU A 232 -19.33 10.56 8.06
N HIS A 233 -19.33 10.09 6.81
CA HIS A 233 -20.29 10.57 5.79
C HIS A 233 -21.52 9.68 6.05
N LEU A 234 -22.22 10.04 7.13
CA LEU A 234 -23.34 9.22 7.57
C LEU A 234 -24.61 9.48 6.73
N ASN A 235 -24.59 9.01 5.46
CA ASN A 235 -25.71 9.29 4.54
C ASN A 235 -26.82 8.28 4.58
N GLY A 236 -26.70 7.37 5.52
CA GLY A 236 -27.75 6.37 5.90
C GLY A 236 -27.70 5.03 5.18
N TYR A 237 -26.90 4.92 4.10
CA TYR A 237 -27.04 3.85 3.12
C TYR A 237 -25.70 3.48 2.50
N LYS A 238 -25.57 2.24 2.06
CA LYS A 238 -24.48 1.84 1.17
C LYS A 238 -25.20 1.56 -0.17
N ILE A 239 -24.89 0.44 -0.84
CA ILE A 239 -25.41 0.26 -2.23
C ILE A 239 -26.89 -0.07 -2.26
N ALA A 240 -27.30 -0.99 -1.42
CA ALA A 240 -28.67 -1.57 -1.40
C ALA A 240 -29.16 -1.87 0.01
N ASN A 241 -28.58 -1.20 1.00
CA ASN A 241 -28.94 -1.46 2.42
C ASN A 241 -28.72 -0.18 3.18
N PRO A 242 -29.42 -0.01 4.33
CA PRO A 242 -29.01 1.01 5.23
C PRO A 242 -27.61 0.60 5.79
N THR A 243 -26.97 1.52 6.51
CA THR A 243 -25.72 1.14 7.22
C THR A 243 -25.93 0.93 8.74
N ILE A 244 -25.05 0.14 9.31
CA ILE A 244 -25.09 -0.17 10.68
C ILE A 244 -25.02 1.10 11.53
N LEU A 245 -24.04 1.96 11.25
CA LEU A 245 -23.82 3.13 12.08
C LEU A 245 -24.94 4.15 11.99
N ALA A 246 -25.68 4.22 10.88
CA ALA A 246 -26.69 5.19 10.75
C ALA A 246 -27.96 4.75 11.49
N ARG A 247 -28.15 3.45 11.72
CA ARG A 247 -29.41 3.02 12.31
C ARG A 247 -29.27 2.63 13.78
N ILE A 248 -28.04 2.63 14.35
CA ILE A 248 -27.97 2.32 15.78
C ILE A 248 -28.54 3.62 16.46
N SER A 249 -28.79 3.60 17.78
CA SER A 249 -29.30 4.85 18.45
C SER A 249 -28.17 5.90 18.55
N ASP A 250 -28.56 7.16 18.76
CA ASP A 250 -27.62 8.25 18.77
C ASP A 250 -26.69 8.12 20.00
N GLU A 251 -27.24 7.63 21.10
CA GLU A 251 -26.45 7.42 22.27
C GLU A 251 -25.36 6.35 22.02
N GLU A 252 -25.70 5.24 21.37
CA GLU A 252 -24.63 4.25 21.03
C GLU A 252 -23.58 4.87 20.13
N LEU A 253 -24.01 5.59 19.09
CA LEU A 253 -23.06 6.18 18.12
C LEU A 253 -22.05 7.12 18.82
N HIS A 254 -22.57 7.97 19.73
CA HIS A 254 -21.67 8.87 20.42
C HIS A 254 -20.80 8.15 21.40
N ASP A 255 -21.35 7.15 22.12
CA ASP A 255 -20.51 6.39 23.05
C ASP A 255 -19.37 5.67 22.27
N PHE A 256 -19.72 5.13 21.10
CA PHE A 256 -18.70 4.40 20.31
C PHE A 256 -17.45 5.29 20.02
N PHE A 257 -17.67 6.48 19.50
CA PHE A 257 -16.55 7.40 19.16
C PHE A 257 -15.88 7.95 20.35
N ARG A 258 -16.66 8.25 21.41
CA ARG A 258 -16.01 8.59 22.69
C ARG A 258 -15.12 7.49 23.25
N GLY A 259 -15.57 6.24 23.11
CA GLY A 259 -14.79 5.10 23.56
C GLY A 259 -13.55 4.84 22.77
N MET A 260 -13.50 5.37 21.56
CA MET A 260 -12.30 5.24 20.71
C MET A 260 -11.43 6.53 20.81
N GLY A 261 -11.75 7.39 21.78
CA GLY A 261 -10.86 8.51 22.10
C GLY A 261 -11.11 9.76 21.28
N TYR A 262 -12.36 9.96 20.81
CA TYR A 262 -12.69 11.19 20.07
C TYR A 262 -13.70 11.98 20.87
N HIS A 263 -13.80 13.29 20.61
CA HIS A 263 -14.94 14.11 21.02
C HIS A 263 -15.90 14.20 19.83
N PRO A 264 -17.05 13.54 19.92
CA PRO A 264 -17.89 13.51 18.77
C PRO A 264 -18.74 14.76 18.67
N TYR A 265 -18.85 15.29 17.46
CA TYR A 265 -19.75 16.38 17.17
C TYR A 265 -20.63 15.83 16.07
N GLU A 266 -21.86 16.29 15.93
CA GLU A 266 -22.78 15.72 14.97
C GLU A 266 -23.51 16.87 14.29
N PHE A 267 -23.57 16.80 12.96
CA PHE A 267 -24.29 17.74 12.16
C PHE A 267 -25.37 16.98 11.39
N VAL A 268 -26.57 17.55 11.33
CA VAL A 268 -27.75 16.96 10.65
C VAL A 268 -28.38 18.04 9.79
N ALA A 269 -28.56 17.77 8.47
CA ALA A 269 -29.09 18.78 7.53
C ALA A 269 -29.71 18.07 6.38
N GLY A 270 -30.65 18.74 5.72
CA GLY A 270 -31.15 18.20 4.46
C GLY A 270 -32.43 17.38 4.63
N PHE A 271 -32.83 17.10 5.85
CA PHE A 271 -33.98 16.21 6.04
C PHE A 271 -35.29 17.02 6.16
N ASP A 272 -35.19 18.34 6.18
CA ASP A 272 -36.41 19.14 6.32
C ASP A 272 -36.34 20.27 5.32
N ASN A 273 -37.03 21.37 5.60
CA ASN A 273 -37.17 22.44 4.63
C ASN A 273 -36.17 23.59 4.91
N GLU A 274 -35.20 23.37 5.79
CA GLU A 274 -34.19 24.42 6.08
C GLU A 274 -33.55 24.89 4.77
N ASP A 275 -33.47 26.21 4.59
CA ASP A 275 -32.88 26.77 3.36
C ASP A 275 -31.35 26.52 3.38
N HIS A 276 -30.79 26.34 2.19
CA HIS A 276 -29.36 26.03 2.05
C HIS A 276 -28.43 27.01 2.64
N MET A 277 -28.67 28.32 2.42
CA MET A 277 -27.83 29.39 3.15
C MET A 277 -27.78 29.17 4.66
N SER A 278 -28.93 28.86 5.30
CA SER A 278 -28.90 28.60 6.76
C SER A 278 -28.06 27.39 7.08
N ILE A 279 -28.15 26.37 6.23
CA ILE A 279 -27.38 25.14 6.47
C ILE A 279 -25.88 25.46 6.44
N HIS A 280 -25.44 26.19 5.41
CA HIS A 280 -24.03 26.64 5.32
C HIS A 280 -23.58 27.43 6.53
N ARG A 281 -24.40 28.38 6.98
CA ARG A 281 -23.97 29.13 8.20
C ARG A 281 -23.86 28.26 9.39
N ARG A 282 -24.84 27.35 9.62
CA ARG A 282 -24.73 26.47 10.80
C ARG A 282 -23.53 25.53 10.64
N PHE A 283 -23.25 25.05 9.41
CA PHE A 283 -22.08 24.12 9.32
C PHE A 283 -20.80 24.87 9.56
N ALA A 284 -20.71 26.06 9.01
CA ALA A 284 -19.47 26.84 9.12
C ALA A 284 -19.13 27.14 10.58
N GLU A 285 -20.16 27.56 11.33
CA GLU A 285 -20.00 27.76 12.74
C GLU A 285 -19.55 26.51 13.47
N LEU A 286 -20.20 25.39 13.19
CA LEU A 286 -19.77 24.12 13.78
C LEU A 286 -18.32 23.77 13.43
N PHE A 287 -17.97 23.98 12.17
CA PHE A 287 -16.67 23.56 11.70
C PHE A 287 -15.58 24.49 12.34
N GLU A 288 -15.91 25.76 12.55
CA GLU A 288 -15.01 26.65 13.33
C GLU A 288 -14.82 26.20 14.81
N THR A 289 -15.89 25.72 15.44
CA THR A 289 -15.77 25.18 16.82
C THR A 289 -14.85 23.95 16.82
N ILE A 290 -15.03 23.13 15.81
CA ILE A 290 -14.18 21.93 15.75
C ILE A 290 -12.72 22.32 15.55
N PHE A 291 -12.48 23.23 14.62
CA PHE A 291 -11.09 23.62 14.29
C PHE A 291 -10.43 24.37 15.46
N ASP A 292 -11.23 25.18 16.16
CA ASP A 292 -10.74 25.86 17.36
C ASP A 292 -10.25 24.86 18.37
N GLU A 293 -11.01 23.76 18.54
CA GLU A 293 -10.61 22.74 19.47
C GLU A 293 -9.33 22.01 19.03
N ILE A 294 -9.19 21.79 17.72
CA ILE A 294 -7.95 21.27 17.14
C ILE A 294 -6.78 22.23 17.39
N CYS A 295 -7.03 23.53 17.23
CA CYS A 295 -5.97 24.54 17.50
C CYS A 295 -5.61 24.58 18.94
N ASP A 296 -6.58 24.45 19.85
CA ASP A 296 -6.26 24.34 21.33
C ASP A 296 -5.46 23.09 21.66
N ILE A 297 -5.89 21.98 21.04
CA ILE A 297 -5.11 20.75 21.20
C ILE A 297 -3.69 20.97 20.67
N LYS A 298 -3.53 21.56 19.49
CA LYS A 298 -2.16 21.81 19.03
C LYS A 298 -1.34 22.74 19.92
N ALA A 299 -1.97 23.79 20.47
CA ALA A 299 -1.22 24.74 21.29
C ALA A 299 -0.87 24.02 22.58
N ALA A 300 -1.80 23.29 23.12
CA ALA A 300 -1.54 22.63 24.39
C ALA A 300 -0.37 21.61 24.27
N ALA A 301 -0.31 20.92 23.13
CA ALA A 301 0.69 19.86 22.95
C ALA A 301 2.12 20.49 22.92
N GLN A 302 2.24 21.79 22.74
CA GLN A 302 3.59 22.41 22.83
C GLN A 302 4.15 22.30 24.23
N THR A 303 3.27 22.19 25.23
CA THR A 303 3.71 22.10 26.62
C THR A 303 3.54 20.72 27.23
N ASP A 304 2.39 20.07 26.93
CA ASP A 304 2.11 18.73 27.44
C ASP A 304 1.98 17.81 26.20
N ASP A 305 3.02 17.04 25.84
CA ASP A 305 2.89 16.25 24.67
C ASP A 305 2.63 14.81 25.10
N MET A 306 2.40 14.61 26.42
CA MET A 306 2.16 13.28 26.96
C MET A 306 0.67 12.98 27.23
N THR A 307 -0.17 13.98 27.47
CA THR A 307 -1.57 13.63 27.67
C THR A 307 -2.28 13.48 26.31
N ARG A 308 -2.91 12.33 26.08
CA ARG A 308 -3.50 12.07 24.81
C ARG A 308 -4.80 12.86 24.89
N PRO A 309 -5.06 13.75 23.92
CA PRO A 309 -6.37 14.46 24.00
C PRO A 309 -7.49 13.68 23.34
N PHE A 310 -8.72 14.10 23.59
CA PHE A 310 -9.86 13.56 22.80
C PHE A 310 -10.01 14.32 21.49
N TYR A 311 -9.51 13.80 20.36
CA TYR A 311 -9.53 14.56 19.12
C TYR A 311 -10.97 14.63 18.66
N PRO A 312 -11.43 15.76 18.12
CA PRO A 312 -12.75 15.81 17.55
C PRO A 312 -12.91 14.78 16.40
N MET A 313 -14.16 14.39 16.20
CA MET A 313 -14.53 13.73 14.98
C MET A 313 -15.91 14.27 14.63
N LEU A 314 -16.28 14.22 13.35
CA LEU A 314 -17.54 14.76 12.90
C LEU A 314 -18.47 13.68 12.37
N ILE A 315 -19.64 13.55 13.03
CA ILE A 315 -20.71 12.73 12.49
C ILE A 315 -21.50 13.62 11.52
N PHE A 316 -21.48 13.30 10.23
CA PHE A 316 -22.13 14.20 9.26
C PHE A 316 -23.31 13.49 8.65
N ARG A 317 -24.51 13.91 9.00
CA ARG A 317 -25.69 13.12 8.66
C ARG A 317 -26.57 13.92 7.72
N THR A 318 -26.61 13.50 6.44
CA THR A 318 -27.31 14.20 5.40
C THR A 318 -27.94 13.12 4.45
N PRO A 319 -28.91 13.46 3.64
CA PRO A 319 -29.63 12.41 2.86
C PRO A 319 -28.76 11.95 1.70
N LYS A 320 -28.67 10.67 1.47
CA LYS A 320 -27.90 10.19 0.31
C LYS A 320 -28.47 10.74 -0.97
N GLY A 321 -27.61 11.24 -1.84
CA GLY A 321 -28.09 11.77 -3.13
C GLY A 321 -28.60 13.19 -2.99
N TRP A 322 -28.47 13.74 -1.77
CA TRP A 322 -28.89 15.14 -1.44
C TRP A 322 -28.98 16.11 -2.62
N THR A 323 -30.19 16.64 -2.84
CA THR A 323 -30.56 17.60 -3.87
C THR A 323 -31.02 17.00 -5.18
N CYS A 324 -30.89 15.69 -5.34
CA CYS A 324 -31.49 15.04 -6.50
C CYS A 324 -33.05 14.96 -6.33
N PRO A 325 -33.76 14.52 -7.38
CA PRO A 325 -35.25 14.47 -7.20
C PRO A 325 -35.69 13.55 -6.06
N LYS A 326 -36.68 13.99 -5.28
CA LYS A 326 -37.08 13.15 -4.13
C LYS A 326 -37.64 11.76 -4.52
N PHE A 327 -38.49 11.73 -5.58
CA PHE A 327 -39.09 10.48 -6.04
C PHE A 327 -38.88 10.41 -7.53
N ILE A 328 -38.57 9.22 -8.04
CA ILE A 328 -38.46 8.99 -9.48
C ILE A 328 -39.26 7.74 -9.80
N ASP A 329 -40.24 7.86 -10.68
CA ASP A 329 -41.14 6.70 -10.98
C ASP A 329 -41.76 6.12 -9.70
N GLY A 330 -42.22 6.99 -8.79
CA GLY A 330 -42.84 6.54 -7.53
C GLY A 330 -41.86 5.94 -6.49
N LYS A 331 -40.53 6.03 -6.69
CA LYS A 331 -39.59 5.46 -5.73
C LYS A 331 -38.72 6.54 -5.07
N LYS A 332 -38.55 6.45 -3.74
CA LYS A 332 -37.86 7.46 -2.96
C LYS A 332 -36.41 7.35 -3.41
N THR A 333 -35.86 8.44 -3.94
CA THR A 333 -34.47 8.45 -4.44
C THR A 333 -33.53 9.29 -3.56
N GLU A 334 -33.78 10.59 -3.38
CA GLU A 334 -32.99 11.30 -2.38
C GLU A 334 -33.28 10.67 -0.98
N GLY A 335 -32.26 10.45 -0.09
CA GLY A 335 -32.54 9.82 1.21
C GLY A 335 -32.75 8.33 1.08
N SER A 336 -32.12 7.71 0.06
CA SER A 336 -32.21 6.29 -0.11
C SER A 336 -30.95 5.66 -0.73
N TRP A 337 -30.74 4.35 -0.52
CA TRP A 337 -29.74 3.58 -1.30
C TRP A 337 -29.99 3.68 -2.82
N ARG A 338 -31.22 4.00 -3.21
CA ARG A 338 -31.55 4.08 -4.64
C ARG A 338 -30.75 5.20 -5.29
N ALA A 339 -30.25 6.15 -4.49
CA ALA A 339 -29.43 7.23 -5.07
C ALA A 339 -27.97 6.84 -5.32
N HIS A 340 -27.59 5.62 -4.94
CA HIS A 340 -26.20 5.22 -4.95
C HIS A 340 -25.46 5.35 -6.32
N GLN A 341 -26.09 4.81 -7.37
CA GLN A 341 -25.40 4.69 -8.66
C GLN A 341 -25.87 5.81 -9.59
N VAL A 342 -26.72 5.47 -10.56
CA VAL A 342 -27.15 6.44 -11.57
C VAL A 342 -28.66 6.55 -11.57
N PRO A 343 -29.20 7.62 -10.97
CA PRO A 343 -30.61 7.87 -11.14
C PRO A 343 -30.99 8.18 -12.61
N LEU A 344 -32.24 7.92 -12.97
CA LEU A 344 -32.76 8.23 -14.30
C LEU A 344 -31.98 7.50 -15.37
N ALA A 345 -31.92 6.20 -15.25
CA ALA A 345 -31.08 5.40 -16.13
C ALA A 345 -31.57 5.53 -17.58
N SER A 346 -32.84 5.90 -17.78
CA SER A 346 -33.41 6.14 -19.12
C SER A 346 -33.28 7.60 -19.62
N ALA A 347 -32.36 8.43 -19.03
CA ALA A 347 -32.29 9.86 -19.43
C ALA A 347 -32.15 10.06 -20.98
N ARG A 348 -31.39 9.18 -21.66
CA ARG A 348 -31.27 9.29 -23.11
C ARG A 348 -32.49 8.71 -23.90
N ASP A 349 -33.21 7.79 -23.29
CA ASP A 349 -34.21 6.96 -24.00
C ASP A 349 -35.68 7.35 -23.83
N THR A 350 -36.03 8.13 -22.80
CA THR A 350 -37.45 8.48 -22.67
C THR A 350 -37.48 9.97 -22.43
N GLU A 351 -38.44 10.65 -23.05
CA GLU A 351 -38.65 12.06 -22.79
C GLU A 351 -38.96 12.29 -21.26
N GLU A 352 -39.66 11.36 -20.63
CA GLU A 352 -39.93 11.41 -19.17
C GLU A 352 -38.64 11.45 -18.30
N HIS A 353 -37.67 10.54 -18.53
CA HIS A 353 -36.41 10.68 -17.79
C HIS A 353 -35.65 11.90 -18.15
N PHE A 354 -35.67 12.24 -19.44
CA PHE A 354 -34.95 13.43 -19.88
C PHE A 354 -35.44 14.72 -19.19
N GLU A 355 -36.77 14.86 -19.10
CA GLU A 355 -37.33 16.08 -18.52
C GLU A 355 -36.92 16.21 -17.07
N VAL A 356 -36.91 15.10 -16.35
CA VAL A 356 -36.50 15.11 -14.92
C VAL A 356 -35.01 15.50 -14.83
N LEU A 357 -34.17 14.94 -15.70
CA LEU A 357 -32.75 15.35 -15.71
C LEU A 357 -32.62 16.87 -15.94
N LYS A 358 -33.39 17.36 -16.92
CA LYS A 358 -33.32 18.75 -17.28
C LYS A 358 -33.68 19.66 -16.09
N GLY A 359 -34.78 19.36 -15.40
CA GLY A 359 -35.17 20.19 -14.26
C GLY A 359 -34.17 20.08 -13.12
N TRP A 360 -33.61 18.88 -12.92
CA TRP A 360 -32.59 18.65 -11.90
C TRP A 360 -31.37 19.55 -12.18
N MET A 361 -30.75 19.41 -13.38
CA MET A 361 -29.63 20.32 -13.75
C MET A 361 -30.03 21.80 -13.62
N GLU A 362 -31.27 22.16 -14.04
CA GLU A 362 -31.66 23.60 -13.97
C GLU A 362 -31.77 24.10 -12.50
N SER A 363 -32.12 23.18 -11.56
CA SER A 363 -32.36 23.60 -10.18
C SER A 363 -31.10 24.24 -9.57
N TYR A 364 -29.91 24.01 -10.17
CA TYR A 364 -28.67 24.60 -9.61
C TYR A 364 -28.45 26.03 -10.09
N LYS A 365 -29.30 26.42 -11.04
CA LYS A 365 -29.26 27.69 -11.71
C LYS A 365 -27.86 27.99 -12.38
N PRO A 366 -27.40 27.12 -13.29
CA PRO A 366 -26.04 27.37 -13.90
C PRO A 366 -25.89 28.74 -14.57
N GLU A 367 -26.96 29.32 -15.05
CA GLU A 367 -26.91 30.66 -15.64
C GLU A 367 -26.39 31.68 -14.61
N GLU A 368 -26.40 31.37 -13.30
CA GLU A 368 -25.80 32.31 -12.36
C GLU A 368 -24.35 31.96 -12.06
N LEU A 369 -23.88 30.79 -12.49
CA LEU A 369 -22.60 30.31 -11.98
C LEU A 369 -21.53 30.41 -13.08
N PHE A 370 -21.96 30.43 -14.34
CA PHE A 370 -21.03 30.47 -15.48
C PHE A 370 -21.25 31.73 -16.30
N ASN A 371 -20.13 32.36 -16.73
CA ASN A 371 -20.22 33.46 -17.68
C ASN A 371 -20.66 32.96 -19.08
N ALA A 372 -21.00 33.89 -19.96
CA ALA A 372 -21.46 33.55 -21.32
C ALA A 372 -20.36 32.72 -22.06
N ASP A 373 -19.08 32.93 -21.77
CA ASP A 373 -18.07 32.15 -22.45
C ASP A 373 -17.93 30.74 -21.86
N GLY A 374 -18.78 30.41 -20.85
CA GLY A 374 -18.63 29.15 -20.11
C GLY A 374 -17.57 29.04 -19.03
N SER A 375 -16.86 30.12 -18.70
CA SER A 375 -15.98 30.12 -17.56
C SER A 375 -16.83 30.25 -16.27
N ILE A 376 -16.33 29.60 -15.20
CA ILE A 376 -16.94 29.74 -13.84
C ILE A 376 -16.70 31.20 -13.37
N LYS A 377 -17.77 31.87 -12.97
CA LYS A 377 -17.69 33.26 -12.54
C LYS A 377 -16.75 33.49 -11.34
N ASP A 378 -16.10 34.67 -11.30
CA ASP A 378 -15.21 35.04 -10.21
C ASP A 378 -15.87 34.96 -8.81
N ASP A 379 -17.14 35.25 -8.69
CA ASP A 379 -17.75 35.29 -7.35
C ASP A 379 -18.04 33.87 -6.86
N VAL A 380 -17.88 32.88 -7.72
CA VAL A 380 -17.97 31.51 -7.32
C VAL A 380 -16.69 31.08 -6.59
N THR A 381 -15.55 31.64 -6.96
CA THR A 381 -14.29 31.13 -6.38
C THR A 381 -13.47 32.14 -5.59
N ALA A 382 -13.99 33.33 -5.35
CA ALA A 382 -13.23 34.35 -4.63
C ALA A 382 -12.90 33.86 -3.20
N PHE A 383 -13.74 32.99 -2.64
CA PHE A 383 -13.49 32.45 -1.25
C PHE A 383 -12.43 31.35 -1.21
N MET A 384 -11.96 30.85 -2.38
CA MET A 384 -11.12 29.66 -2.45
C MET A 384 -9.69 29.92 -2.01
N PRO A 385 -9.01 28.90 -1.51
CA PRO A 385 -7.58 29.10 -1.27
C PRO A 385 -6.83 29.22 -2.62
N LYS A 386 -5.60 29.69 -2.54
CA LYS A 386 -4.74 29.95 -3.70
C LYS A 386 -3.39 29.25 -3.57
N GLY A 387 -2.70 29.11 -4.70
CA GLY A 387 -1.31 28.66 -4.68
C GLY A 387 -1.23 27.27 -4.13
N GLU A 388 -0.17 26.97 -3.36
CA GLU A 388 0.10 25.62 -2.89
C GLU A 388 -0.84 25.21 -1.73
N LEU A 389 -1.65 26.12 -1.18
CA LEU A 389 -2.70 25.67 -0.20
C LEU A 389 -3.90 25.02 -0.90
N ARG A 390 -4.02 25.18 -2.20
CA ARG A 390 -5.15 24.54 -2.91
C ARG A 390 -5.06 23.03 -2.78
N ILE A 391 -6.22 22.36 -2.73
CA ILE A 391 -6.26 20.97 -2.41
C ILE A 391 -5.54 20.25 -3.60
N GLY A 392 -5.77 20.72 -4.83
CA GLY A 392 -5.14 20.07 -6.02
C GLY A 392 -3.63 20.31 -6.07
N ALA A 393 -3.17 21.39 -5.41
CA ALA A 393 -1.80 21.84 -5.58
C ALA A 393 -0.90 21.50 -4.44
N ASN A 394 -1.45 21.11 -3.29
CA ASN A 394 -0.60 20.93 -2.10
C ASN A 394 0.44 19.82 -2.38
N PRO A 395 1.71 20.03 -1.98
CA PRO A 395 2.73 19.02 -2.38
C PRO A 395 2.65 17.74 -1.55
N ASN A 396 2.02 17.77 -0.34
CA ASN A 396 1.68 16.54 0.31
C ASN A 396 0.76 15.61 -0.50
N ALA A 397 -0.02 16.11 -1.45
CA ALA A 397 -0.90 15.19 -2.23
C ALA A 397 -0.12 14.75 -3.51
N ASN A 398 1.18 15.09 -3.55
CA ASN A 398 2.06 14.71 -4.67
C ASN A 398 3.46 14.60 -4.09
N GLY A 399 3.61 13.75 -3.09
CA GLY A 399 4.72 13.79 -2.15
C GLY A 399 6.10 13.61 -2.82
N GLY A 400 6.13 13.02 -4.03
CA GLY A 400 7.43 12.94 -4.77
C GLY A 400 8.08 14.34 -4.96
N VAL A 401 7.27 15.40 -4.99
CA VAL A 401 7.75 16.80 -5.07
C VAL A 401 8.50 17.22 -3.79
N ILE A 402 8.14 16.62 -2.69
CA ILE A 402 8.77 16.89 -1.38
C ILE A 402 9.90 15.89 -1.08
N ARG A 403 9.74 14.66 -1.54
CA ARG A 403 10.68 13.56 -1.21
C ARG A 403 12.16 13.98 -1.47
N GLU A 404 13.07 13.67 -0.54
CA GLU A 404 14.52 13.73 -0.80
C GLU A 404 15.11 12.34 -0.62
N ASP A 405 16.21 12.04 -1.32
CA ASP A 405 16.95 10.79 -1.08
C ASP A 405 17.31 10.73 0.39
N LEU A 406 17.27 9.51 0.94
CA LEU A 406 17.74 9.27 2.26
C LEU A 406 19.26 9.52 2.27
N LYS A 407 19.75 10.01 3.42
CA LYS A 407 21.18 10.00 3.74
C LYS A 407 21.52 8.63 4.26
N LEU A 408 22.03 7.76 3.37
CA LEU A 408 22.29 6.35 3.72
C LEU A 408 23.73 6.18 4.31
N PRO A 409 23.86 5.50 5.44
CA PRO A 409 25.23 5.19 5.88
C PRO A 409 25.91 4.21 4.87
N GLU A 410 27.24 4.23 4.85
CA GLU A 410 28.06 3.29 4.03
C GLU A 410 27.71 1.86 4.41
N LEU A 411 27.33 1.05 3.43
CA LEU A 411 26.99 -0.35 3.66
C LEU A 411 28.12 -1.24 4.21
N ASP A 412 29.41 -0.92 3.87
CA ASP A 412 30.51 -1.84 4.23
C ASP A 412 30.62 -2.09 5.70
N GLN A 413 30.33 -1.09 6.52
CA GLN A 413 30.47 -1.31 7.96
C GLN A 413 29.53 -2.42 8.52
N TYR A 414 28.51 -2.86 7.75
CA TYR A 414 27.56 -3.89 8.30
C TYR A 414 27.93 -5.31 7.86
N GLU A 415 28.91 -5.41 6.95
CA GLU A 415 29.18 -6.69 6.23
C GLU A 415 29.47 -7.76 7.26
N VAL A 416 28.98 -8.98 7.02
CA VAL A 416 29.43 -10.17 7.78
C VAL A 416 30.74 -10.61 7.11
N THR A 417 31.85 -10.28 7.81
CA THR A 417 33.19 -10.48 7.21
C THR A 417 33.68 -11.91 7.49
N GLY A 418 32.89 -12.71 8.20
CA GLY A 418 33.23 -14.13 8.46
C GLY A 418 33.44 -14.95 7.17
N VAL A 419 32.74 -14.60 6.11
CA VAL A 419 32.91 -15.26 4.82
C VAL A 419 34.33 -15.01 4.24
N LYS A 420 34.75 -13.74 4.25
CA LYS A 420 36.08 -13.36 3.78
C LYS A 420 37.17 -14.00 4.65
N GLU A 421 36.98 -14.01 5.97
CA GLU A 421 38.04 -14.47 6.88
C GLU A 421 38.14 -15.98 7.02
N TYR A 422 36.98 -16.66 7.09
CA TYR A 422 36.90 -18.07 7.38
C TYR A 422 36.42 -18.98 6.24
N GLY A 423 35.70 -18.45 5.29
CA GLY A 423 35.12 -19.24 4.18
C GLY A 423 33.59 -19.16 3.93
N HIS A 424 33.18 -19.45 2.69
CA HIS A 424 31.78 -19.52 2.29
C HIS A 424 31.01 -20.55 3.17
N GLY A 425 29.92 -20.13 3.83
CA GLY A 425 29.11 -21.06 4.67
C GLY A 425 29.42 -20.91 6.14
N TRP A 426 30.25 -19.95 6.48
CA TRP A 426 30.58 -19.70 7.87
C TRP A 426 29.40 -19.22 8.80
N GLY A 427 29.46 -19.61 10.07
CA GLY A 427 28.82 -18.94 11.19
C GLY A 427 27.32 -19.26 11.38
N GLN A 428 26.74 -18.55 12.33
CA GLN A 428 25.34 -18.77 12.74
C GLN A 428 24.57 -17.42 12.83
N VAL A 429 24.79 -16.55 11.86
CA VAL A 429 24.31 -15.17 11.90
C VAL A 429 22.76 -15.17 11.74
N GLU A 430 22.07 -14.29 12.48
CA GLU A 430 20.61 -14.08 12.24
C GLU A 430 20.48 -12.94 11.27
N ALA A 431 20.23 -13.24 9.99
CA ALA A 431 20.36 -12.24 8.92
C ALA A 431 19.73 -10.84 9.14
N PRO A 432 18.47 -10.77 9.66
CA PRO A 432 17.86 -9.41 9.74
C PRO A 432 18.54 -8.54 10.75
N ARG A 433 19.38 -9.11 11.61
CA ARG A 433 20.15 -8.27 12.57
C ARG A 433 21.07 -7.22 11.89
N ALA A 434 21.62 -7.58 10.73
CA ALA A 434 22.47 -6.63 9.97
C ALA A 434 21.53 -5.58 9.41
N LEU A 435 20.33 -5.96 8.93
CA LEU A 435 19.44 -4.94 8.43
C LEU A 435 18.95 -4.03 9.58
N GLY A 436 18.78 -4.58 10.77
CA GLY A 436 18.40 -3.73 11.88
C GLY A 436 19.43 -2.65 12.21
N ALA A 437 20.73 -2.99 12.11
CA ALA A 437 21.82 -2.07 12.48
C ALA A 437 21.85 -1.00 11.43
N TYR A 438 21.67 -1.43 10.20
CA TYR A 438 21.58 -0.51 9.06
C TYR A 438 20.35 0.47 9.21
N CYS A 439 19.14 -0.06 9.50
CA CYS A 439 17.97 0.78 9.75
C CYS A 439 18.19 1.73 10.95
N ARG A 440 18.85 1.25 12.00
CA ARG A 440 19.21 2.09 13.13
C ARG A 440 19.91 3.38 12.65
N ASP A 441 20.90 3.23 11.77
CA ASP A 441 21.72 4.36 11.39
C ASP A 441 21.03 5.17 10.31
N ILE A 442 20.13 4.56 9.54
CA ILE A 442 19.30 5.33 8.64
C ILE A 442 18.37 6.28 9.50
N ILE A 443 17.78 5.80 10.55
CA ILE A 443 16.91 6.69 11.36
C ILE A 443 17.82 7.79 11.95
N LYS A 444 18.97 7.41 12.52
CA LYS A 444 19.88 8.43 13.03
C LYS A 444 20.18 9.51 11.99
N ASN A 445 20.48 9.12 10.73
CA ASN A 445 20.77 10.10 9.67
C ASN A 445 19.49 10.82 9.15
N ASN A 446 18.30 10.21 9.31
CA ASN A 446 17.11 10.80 8.69
C ASN A 446 16.03 10.77 9.77
N PRO A 447 16.21 11.54 10.87
CA PRO A 447 15.48 11.29 12.14
C PRO A 447 13.98 11.55 12.17
N ASP A 448 13.43 12.14 11.14
CA ASP A 448 11.98 12.40 11.12
C ASP A 448 11.32 12.04 9.80
N SER A 449 12.03 11.29 8.94
CA SER A 449 11.45 10.95 7.66
C SER A 449 11.66 9.47 7.29
N PHE A 450 12.15 8.64 8.20
CA PHE A 450 12.18 7.15 7.92
C PHE A 450 11.47 6.43 9.07
N ARG A 451 10.38 5.69 8.84
CA ARG A 451 9.74 5.09 9.99
C ARG A 451 9.75 3.58 9.80
N ILE A 452 9.71 2.84 10.91
CA ILE A 452 9.52 1.38 10.87
C ILE A 452 8.12 1.02 11.38
N PHE A 453 7.40 0.16 10.65
CA PHE A 453 6.13 -0.40 11.15
C PHE A 453 6.24 -1.90 11.36
N GLY A 454 5.50 -2.40 12.33
CA GLY A 454 5.50 -3.82 12.58
C GLY A 454 4.23 -4.24 13.29
N PRO A 455 3.66 -5.41 12.91
CA PRO A 455 2.48 -5.78 13.65
C PRO A 455 2.80 -6.57 14.93
N ASP A 456 3.44 -5.86 15.87
CA ASP A 456 3.89 -6.45 17.14
C ASP A 456 5.03 -7.46 16.84
N GLU A 457 5.86 -7.19 15.82
CA GLU A 457 6.80 -8.25 15.36
C GLU A 457 8.19 -7.65 15.04
N THR A 458 8.38 -6.34 15.27
CA THR A 458 9.68 -5.71 15.00
C THR A 458 10.86 -6.42 15.71
N ALA A 459 10.72 -6.63 17.03
CA ALA A 459 11.73 -7.35 17.79
C ALA A 459 11.75 -8.84 17.34
N SER A 460 10.60 -9.42 17.07
CA SER A 460 10.53 -10.85 16.78
C SER A 460 11.27 -11.11 15.43
N ASN A 461 11.14 -10.17 14.52
CA ASN A 461 11.84 -10.28 13.22
C ASN A 461 13.26 -9.71 13.29
N ARG A 462 13.72 -9.37 14.49
CA ARG A 462 15.15 -8.99 14.75
C ARG A 462 15.60 -7.61 14.23
N LEU A 463 14.66 -6.65 14.18
CA LEU A 463 14.97 -5.28 13.74
C LEU A 463 15.15 -4.34 14.95
N ASN A 464 15.22 -4.91 16.12
CA ASN A 464 15.26 -4.14 17.35
C ASN A 464 16.57 -3.40 17.61
N ALA A 465 17.61 -3.54 16.74
CA ALA A 465 18.77 -2.64 16.93
C ALA A 465 18.32 -1.17 16.76
N THR A 466 17.21 -0.93 16.07
CA THR A 466 16.63 0.42 15.91
C THR A 466 16.29 1.09 17.21
N TYR A 467 15.95 0.35 18.23
CA TYR A 467 15.60 0.95 19.52
C TYR A 467 16.79 1.62 20.24
N GLU A 468 18.01 1.38 19.74
CA GLU A 468 19.19 2.10 20.31
C GLU A 468 19.13 3.60 19.99
N VAL A 469 18.40 4.02 18.94
CA VAL A 469 18.32 5.46 18.61
C VAL A 469 16.90 6.07 18.66
N THR A 470 15.87 5.24 18.87
CA THR A 470 14.52 5.78 18.88
C THR A 470 13.62 4.83 19.71
N ASP A 471 12.32 5.15 19.82
CA ASP A 471 11.39 4.34 20.61
C ASP A 471 10.22 3.91 19.74
N LYS A 472 9.50 2.87 20.17
CA LYS A 472 8.17 2.62 19.67
C LYS A 472 7.29 3.74 20.21
N GLN A 473 6.66 4.47 19.28
CA GLN A 473 5.74 5.58 19.62
C GLN A 473 4.42 5.01 20.11
N TRP A 474 4.07 5.38 21.33
CA TRP A 474 2.87 4.87 21.99
C TRP A 474 2.22 6.06 22.74
N ASP A 475 1.01 6.44 22.37
CA ASP A 475 0.37 7.60 22.99
C ASP A 475 -0.89 7.13 23.67
N ASN A 476 -0.66 6.35 24.72
CA ASN A 476 -1.73 5.70 25.38
C ASN A 476 -1.16 5.39 26.77
N GLY A 477 -1.87 4.66 27.60
CA GLY A 477 -1.37 4.61 29.01
C GLY A 477 0.02 3.95 29.17
N TYR A 478 0.85 4.46 30.10
CA TYR A 478 2.10 3.88 30.62
C TYR A 478 1.83 3.35 32.07
N LEU A 479 2.60 2.33 32.49
CA LEU A 479 2.44 1.69 33.80
C LEU A 479 3.70 1.69 34.65
N SER A 480 4.85 1.34 34.05
CA SER A 480 6.04 1.00 34.85
C SER A 480 7.20 0.72 33.94
N GLY A 481 8.37 1.21 34.33
CA GLY A 481 9.63 0.84 33.62
C GLY A 481 9.94 -0.67 33.67
N LEU A 482 9.28 -1.43 34.56
CA LEU A 482 9.38 -2.89 34.60
C LEU A 482 8.76 -3.56 33.37
N VAL A 483 7.85 -2.86 32.66
CA VAL A 483 7.18 -3.41 31.49
C VAL A 483 7.26 -2.60 30.25
N ASP A 484 7.40 -1.29 30.41
CA ASP A 484 7.45 -0.36 29.32
C ASP A 484 8.96 -0.16 28.99
N GLU A 485 9.40 -0.54 27.82
CA GLU A 485 10.81 -0.40 27.48
C GLU A 485 10.83 -0.02 26.04
N HIS A 486 11.75 0.85 25.65
CA HIS A 486 11.88 1.22 24.25
C HIS A 486 10.54 1.76 23.67
N MET A 487 9.80 2.47 24.51
CA MET A 487 8.49 2.98 24.16
C MET A 487 8.34 4.44 24.73
N ALA A 488 7.88 5.40 23.93
CA ALA A 488 7.71 6.78 24.42
C ALA A 488 6.60 7.43 23.65
N VAL A 489 6.18 8.65 24.03
CA VAL A 489 5.04 9.27 23.30
C VAL A 489 5.46 9.73 21.92
N THR A 490 6.79 9.86 21.66
CA THR A 490 7.19 10.19 20.33
C THR A 490 8.27 9.19 19.93
N GLY A 491 8.39 8.86 18.62
CA GLY A 491 9.45 7.91 18.20
C GLY A 491 9.14 7.50 16.76
N GLN A 492 10.12 6.81 16.14
CA GLN A 492 10.00 6.49 14.70
C GLN A 492 9.65 5.03 14.37
N VAL A 493 9.35 4.20 15.41
CA VAL A 493 8.80 2.87 15.16
C VAL A 493 7.33 2.97 15.62
N THR A 494 6.43 2.33 14.86
CA THR A 494 5.02 2.24 15.19
C THR A 494 4.62 0.73 15.15
N GLU A 495 4.05 0.21 16.23
CA GLU A 495 3.47 -1.15 16.16
C GLU A 495 2.00 -1.17 16.55
N GLN A 496 1.25 -1.99 15.84
CA GLN A 496 -0.14 -2.31 16.21
C GLN A 496 -0.43 -3.68 15.66
N LEU A 497 -1.17 -4.51 16.40
CA LEU A 497 -1.41 -5.87 15.88
C LEU A 497 -2.46 -5.81 14.78
N SER A 498 -2.01 -5.34 13.60
CA SER A 498 -2.87 -5.19 12.40
C SER A 498 -1.99 -4.93 11.15
N GLU A 499 -1.94 -5.89 10.25
CA GLU A 499 -1.16 -5.74 9.00
C GLU A 499 -1.83 -4.63 8.19
N HIS A 500 -3.17 -4.54 8.21
CA HIS A 500 -3.80 -3.39 7.53
C HIS A 500 -3.35 -1.99 7.97
N GLN A 501 -3.20 -1.78 9.29
CA GLN A 501 -2.65 -0.50 9.82
C GLN A 501 -1.22 -0.37 9.34
N CYS A 502 -0.41 -1.40 9.47
CA CYS A 502 1.02 -1.17 9.18
C CYS A 502 1.18 -0.78 7.70
N GLU A 503 0.49 -1.53 6.84
CA GLU A 503 0.62 -1.32 5.39
C GLU A 503 0.03 0.03 5.01
N GLY A 504 -1.12 0.38 5.57
CA GLY A 504 -1.76 1.63 5.20
C GLY A 504 -1.02 2.86 5.76
N PHE A 505 -0.56 2.81 7.01
CA PHE A 505 0.23 3.95 7.55
C PHE A 505 1.43 4.16 6.60
N LEU A 506 2.11 3.07 6.27
CA LEU A 506 3.36 3.19 5.47
C LEU A 506 3.05 3.72 4.10
N GLU A 507 2.02 3.21 3.42
CA GLU A 507 1.70 3.76 2.11
C GLU A 507 1.56 5.26 2.12
N ALA A 508 0.71 5.81 3.00
CA ALA A 508 0.54 7.24 3.02
C ALA A 508 1.80 7.96 3.42
N TYR A 509 2.61 7.41 4.31
CA TYR A 509 3.88 8.01 4.68
C TYR A 509 4.76 8.19 3.39
N LEU A 510 4.66 7.21 2.50
CA LEU A 510 5.44 7.22 1.24
C LEU A 510 4.78 8.21 0.31
N LEU A 511 3.44 8.19 0.27
CA LEU A 511 2.77 9.03 -0.70
C LEU A 511 2.97 10.53 -0.36
N THR A 512 3.26 10.85 0.90
CA THR A 512 3.49 12.24 1.29
C THR A 512 5.00 12.55 1.27
N GLY A 513 5.81 11.65 0.70
CA GLY A 513 7.22 12.02 0.45
C GLY A 513 8.25 11.51 1.38
N ARG A 514 7.89 10.58 2.27
CA ARG A 514 8.84 10.08 3.25
C ARG A 514 9.29 8.63 2.94
N HIS A 515 9.86 7.91 3.90
CA HIS A 515 10.50 6.60 3.64
C HIS A 515 10.25 5.67 4.82
N GLY A 516 10.42 4.35 4.59
CA GLY A 516 10.47 3.42 5.70
C GLY A 516 10.49 1.99 5.25
N ILE A 517 10.18 1.09 6.19
CA ILE A 517 10.11 -0.36 5.93
C ILE A 517 9.12 -0.93 6.95
N TRP A 518 8.46 -2.05 6.63
CA TRP A 518 7.83 -2.84 7.73
C TRP A 518 8.21 -4.30 7.61
N SER A 519 7.88 -5.09 8.63
CA SER A 519 8.21 -6.49 8.56
C SER A 519 6.98 -7.25 8.98
N SER A 520 6.86 -8.48 8.48
CA SER A 520 5.74 -9.38 8.79
C SER A 520 6.18 -10.83 8.78
N TYR A 521 5.70 -11.63 9.75
CA TYR A 521 5.67 -13.09 9.57
C TYR A 521 5.11 -13.35 8.19
N GLU A 522 5.79 -14.24 7.46
CA GLU A 522 5.44 -14.41 6.04
C GLU A 522 4.02 -14.83 5.74
N SER A 523 3.43 -15.79 6.48
CA SER A 523 2.07 -16.24 6.01
C SER A 523 1.06 -15.16 6.29
N PHE A 524 1.32 -14.33 7.30
CA PHE A 524 0.36 -13.22 7.62
C PHE A 524 0.40 -12.05 6.67
N VAL A 525 1.37 -12.06 5.74
CA VAL A 525 1.39 -11.00 4.79
C VAL A 525 0.15 -11.09 3.98
N HIS A 526 -0.38 -12.30 3.78
CA HIS A 526 -1.58 -12.42 2.97
C HIS A 526 -2.79 -11.60 3.48
N VAL A 527 -2.79 -11.25 4.78
CA VAL A 527 -3.86 -10.34 5.30
C VAL A 527 -3.96 -9.14 4.42
N ILE A 528 -2.82 -8.60 3.96
CA ILE A 528 -2.91 -7.40 3.16
C ILE A 528 -2.62 -7.60 1.66
N ASP A 529 -2.74 -8.81 1.16
CA ASP A 529 -2.67 -9.05 -0.27
C ASP A 529 -3.43 -8.00 -1.09
N SER A 530 -4.67 -7.70 -0.75
CA SER A 530 -5.51 -6.80 -1.59
C SER A 530 -5.00 -5.36 -1.42
N MET A 531 -4.35 -5.04 -0.30
CA MET A 531 -3.75 -3.66 -0.21
C MET A 531 -2.52 -3.58 -1.16
N LEU A 532 -1.72 -4.66 -1.20
CA LEU A 532 -0.58 -4.65 -2.13
C LEU A 532 -1.13 -4.52 -3.55
N ASN A 533 -2.20 -5.22 -3.89
CA ASN A 533 -2.80 -5.06 -5.18
C ASN A 533 -3.15 -3.60 -5.51
N GLN A 534 -3.82 -2.88 -4.57
CA GLN A 534 -4.22 -1.50 -4.86
C GLN A 534 -3.01 -0.57 -5.00
N HIS A 535 -2.02 -0.71 -4.15
CA HIS A 535 -0.91 0.22 -4.25
C HIS A 535 -0.12 -0.12 -5.58
N ALA A 536 -0.02 -1.42 -5.93
CA ALA A 536 0.63 -1.80 -7.26
C ALA A 536 -0.19 -1.16 -8.37
N LYS A 537 -1.54 -1.21 -8.30
CA LYS A 537 -2.28 -0.53 -9.34
C LYS A 537 -2.08 0.99 -9.36
N TRP A 538 -1.97 1.59 -8.20
CA TRP A 538 -1.71 3.04 -8.16
C TRP A 538 -0.35 3.28 -8.91
N LEU A 539 0.66 2.48 -8.58
CA LEU A 539 1.99 2.65 -9.20
C LEU A 539 1.93 2.42 -10.70
N GLU A 540 1.13 1.43 -11.12
CA GLU A 540 1.04 1.10 -12.52
C GLU A 540 0.50 2.30 -13.30
N ALA A 541 -0.61 2.90 -12.82
CA ALA A 541 -1.23 4.01 -13.56
C ALA A 541 -0.22 5.14 -13.60
N THR A 542 0.52 5.30 -12.51
CA THR A 542 1.37 6.49 -12.37
C THR A 542 2.60 6.38 -13.31
N VAL A 543 3.32 5.24 -13.26
CA VAL A 543 4.47 5.09 -14.15
C VAL A 543 4.08 5.10 -15.62
N ARG A 544 2.86 4.67 -15.94
CA ARG A 544 2.43 4.66 -17.31
C ARG A 544 2.05 6.03 -17.87
N GLU A 545 1.29 6.85 -17.13
CA GLU A 545 0.66 8.00 -17.76
C GLU A 545 0.40 9.27 -16.89
N ILE A 546 1.06 9.38 -15.75
CA ILE A 546 0.87 10.56 -14.93
C ILE A 546 2.25 11.08 -14.61
N PRO A 547 2.95 11.65 -15.61
CA PRO A 547 4.35 12.11 -15.29
C PRO A 547 4.40 13.31 -14.33
N TRP A 548 3.35 14.09 -14.18
CA TRP A 548 3.38 15.19 -13.14
C TRP A 548 3.35 14.65 -11.68
N ARG A 549 2.98 13.39 -11.50
CA ARG A 549 2.94 12.79 -10.17
C ARG A 549 4.29 12.15 -9.98
N LYS A 550 5.13 12.78 -9.18
CA LYS A 550 6.56 12.47 -9.17
C LYS A 550 6.86 11.22 -8.39
N PRO A 551 8.06 10.59 -8.63
CA PRO A 551 8.29 9.29 -7.97
C PRO A 551 8.21 9.37 -6.44
N ILE A 552 7.59 8.37 -5.78
CA ILE A 552 7.59 8.31 -4.32
C ILE A 552 8.55 7.21 -3.88
N SER A 553 8.92 7.19 -2.61
CA SER A 553 9.70 6.05 -2.12
C SER A 553 8.87 4.72 -2.23
N SER A 554 9.59 3.58 -2.22
CA SER A 554 9.01 2.29 -2.46
C SER A 554 8.47 1.77 -1.11
N VAL A 555 7.45 0.92 -1.18
CA VAL A 555 7.08 0.03 -0.04
C VAL A 555 8.12 -1.05 0.09
N ASN A 556 8.77 -1.11 1.25
CA ASN A 556 9.78 -2.08 1.54
C ASN A 556 9.24 -2.98 2.65
N LEU A 557 9.10 -4.28 2.33
CA LEU A 557 8.49 -5.29 3.25
C LEU A 557 9.43 -6.42 3.45
N LEU A 558 9.93 -6.54 4.69
CA LEU A 558 10.74 -7.61 5.13
C LEU A 558 9.79 -8.76 5.45
N VAL A 559 9.86 -9.80 4.63
CA VAL A 559 9.01 -10.98 4.79
C VAL A 559 9.85 -12.03 5.49
N SER A 560 9.63 -12.23 6.81
CA SER A 560 10.52 -13.12 7.57
C SER A 560 9.71 -14.13 8.44
N SER A 561 10.36 -14.77 9.42
CA SER A 561 9.75 -15.84 10.19
C SER A 561 8.96 -16.78 9.26
N HIS A 562 9.71 -17.38 8.32
CA HIS A 562 9.10 -17.97 7.13
C HIS A 562 8.65 -19.42 7.29
N VAL A 563 8.06 -19.94 6.23
CA VAL A 563 7.51 -21.30 6.17
C VAL A 563 8.41 -22.42 6.74
N TRP A 564 9.75 -22.28 6.63
CA TRP A 564 10.65 -23.40 7.03
C TRP A 564 10.98 -23.39 8.49
N ARG A 565 10.83 -22.24 9.16
CA ARG A 565 11.29 -22.14 10.54
C ARG A 565 10.28 -21.40 11.48
N GLN A 566 9.03 -21.84 11.44
CA GLN A 566 8.01 -21.29 12.34
C GLN A 566 7.96 -22.23 13.52
N ASP A 567 9.04 -22.17 14.33
CA ASP A 567 9.29 -23.18 15.41
C ASP A 567 8.21 -23.23 16.51
N HIS A 568 7.65 -22.08 16.92
CA HIS A 568 6.67 -22.06 18.06
C HIS A 568 5.23 -22.21 17.59
N ASN A 569 5.02 -22.07 16.26
CA ASN A 569 3.71 -22.04 15.62
C ASN A 569 3.69 -23.27 14.70
N GLY A 570 2.82 -23.32 13.71
CA GLY A 570 2.63 -24.59 13.03
C GLY A 570 2.16 -24.37 11.60
N PHE A 571 1.36 -25.29 11.09
CA PHE A 571 0.88 -25.39 9.70
C PHE A 571 0.12 -24.12 9.27
N SER A 572 -0.65 -23.58 10.20
CA SER A 572 -1.33 -22.30 10.06
C SER A 572 -0.43 -21.09 9.68
N ALA A 573 0.80 -21.11 10.17
CA ALA A 573 1.74 -20.09 9.90
C ALA A 573 2.70 -20.44 8.70
N GLN A 574 2.26 -21.33 7.80
CA GLN A 574 3.15 -21.85 6.71
C GLN A 574 2.57 -21.57 5.33
N ASP A 575 2.90 -20.41 4.79
CA ASP A 575 2.33 -19.98 3.55
C ASP A 575 3.12 -18.88 2.91
N PRO A 576 4.08 -19.24 2.00
CA PRO A 576 4.99 -18.26 1.41
C PRO A 576 4.41 -17.66 0.15
N GLY A 577 3.13 -17.88 -0.12
CA GLY A 577 2.53 -17.50 -1.37
C GLY A 577 2.23 -16.07 -1.72
N VAL A 578 2.64 -15.11 -0.91
CA VAL A 578 2.58 -13.76 -1.40
C VAL A 578 3.45 -13.64 -2.69
N THR A 579 4.54 -14.45 -2.81
CA THR A 579 5.26 -14.53 -4.15
C THR A 579 4.27 -14.60 -5.29
N SER A 580 3.30 -15.52 -5.20
CA SER A 580 2.36 -15.72 -6.28
C SER A 580 1.45 -14.55 -6.56
N LEU A 581 0.99 -13.86 -5.50
CA LEU A 581 0.25 -12.64 -5.72
C LEU A 581 1.09 -11.60 -6.46
N LEU A 582 2.28 -11.42 -5.98
CA LEU A 582 3.13 -10.36 -6.57
C LEU A 582 3.42 -10.62 -8.06
N ILE A 583 3.49 -11.90 -8.47
CA ILE A 583 3.73 -12.25 -9.90
C ILE A 583 2.62 -11.72 -10.73
N ASN A 584 1.46 -11.46 -10.13
CA ASN A 584 0.37 -10.87 -10.93
C ASN A 584 0.44 -9.35 -11.07
N LYS A 585 1.56 -8.76 -10.73
CA LYS A 585 1.71 -7.30 -11.00
C LYS A 585 3.14 -7.04 -11.63
N THR A 586 3.44 -7.78 -12.71
CA THR A 586 4.79 -7.79 -13.36
C THR A 586 4.68 -7.55 -14.89
N PHE A 587 3.70 -6.74 -15.26
CA PHE A 587 3.36 -6.46 -16.65
C PHE A 587 3.91 -5.16 -17.31
N ASN A 588 3.95 -5.18 -18.64
CA ASN A 588 4.03 -3.99 -19.49
C ASN A 588 5.35 -3.30 -19.29
N ASN A 589 6.35 -3.98 -18.74
CA ASN A 589 7.59 -3.31 -18.35
C ASN A 589 7.38 -2.10 -17.39
N ASP A 590 6.28 -2.17 -16.60
CA ASP A 590 5.98 -1.17 -15.55
C ASP A 590 7.10 -1.21 -14.60
N HIS A 591 7.69 -2.39 -14.36
CA HIS A 591 8.69 -2.60 -13.29
C HIS A 591 8.32 -1.94 -11.92
N VAL A 592 7.14 -2.25 -11.38
CA VAL A 592 6.66 -1.68 -10.07
C VAL A 592 6.77 -2.71 -8.98
N THR A 593 7.16 -3.95 -9.32
CA THR A 593 7.19 -5.02 -8.34
C THR A 593 8.47 -5.82 -8.39
N ASN A 594 9.08 -5.99 -7.22
CA ASN A 594 10.26 -6.84 -7.03
C ASN A 594 10.10 -7.91 -5.97
N ILE A 595 10.59 -9.15 -6.29
CA ILE A 595 10.63 -10.22 -5.33
C ILE A 595 12.08 -10.60 -5.15
N TYR A 596 12.64 -10.37 -3.97
CA TYR A 596 13.98 -10.73 -3.66
C TYR A 596 14.19 -11.79 -2.62
N PHE A 597 15.08 -12.76 -2.89
CA PHE A 597 15.42 -13.71 -1.85
C PHE A 597 16.75 -13.44 -1.28
N ALA A 598 16.79 -13.11 0.00
CA ALA A 598 18.00 -12.79 0.64
C ALA A 598 18.69 -14.05 1.13
N THR A 599 19.76 -14.41 0.42
CA THR A 599 20.42 -15.71 0.62
C THR A 599 21.06 -15.77 1.97
N ASP A 600 21.46 -14.60 2.47
CA ASP A 600 22.12 -14.43 3.78
C ASP A 600 22.12 -12.93 4.13
N ALA A 601 22.81 -12.53 5.19
CA ALA A 601 22.84 -11.13 5.64
C ALA A 601 23.53 -10.18 4.68
N ASN A 602 24.53 -10.66 3.94
CA ASN A 602 25.29 -9.74 3.09
C ASN A 602 24.45 -9.51 1.81
N MET A 603 23.77 -10.54 1.32
CA MET A 603 22.80 -10.36 0.25
C MET A 603 21.65 -9.43 0.73
N LEU A 604 21.15 -9.66 1.95
CA LEU A 604 20.08 -8.80 2.54
C LEU A 604 20.50 -7.30 2.53
N LEU A 605 21.72 -7.01 3.01
CA LEU A 605 22.27 -5.65 2.96
C LEU A 605 22.28 -5.09 1.55
N ALA A 606 22.74 -5.87 0.59
CA ALA A 606 22.80 -5.38 -0.78
C ALA A 606 21.38 -5.12 -1.38
N ILE A 607 20.45 -6.01 -1.06
CA ILE A 607 19.05 -5.83 -1.51
C ILE A 607 18.46 -4.55 -0.86
N SER A 608 18.71 -4.37 0.44
CA SER A 608 18.06 -3.30 1.20
C SER A 608 18.51 -1.92 0.75
N GLU A 609 19.81 -1.80 0.42
CA GLU A 609 20.35 -0.56 -0.12
C GLU A 609 19.67 -0.29 -1.41
N LYS A 610 19.52 -1.29 -2.24
CA LYS A 610 18.91 -1.03 -3.52
C LYS A 610 17.43 -0.57 -3.29
N CYS A 611 16.73 -1.27 -2.37
CA CYS A 611 15.29 -0.97 -2.18
C CYS A 611 15.19 0.44 -1.56
N PHE A 612 16.04 0.74 -0.59
CA PHE A 612 15.95 2.09 0.00
C PHE A 612 16.21 3.22 -1.03
N LYS A 613 17.05 2.97 -2.07
CA LYS A 613 17.26 3.92 -3.18
C LYS A 613 16.12 3.91 -4.22
N SER A 614 15.45 2.78 -4.38
CA SER A 614 14.46 2.68 -5.44
C SER A 614 13.23 3.58 -5.17
N THR A 615 12.46 3.80 -6.22
CA THR A 615 11.24 4.59 -6.12
C THR A 615 10.16 3.91 -6.91
N ASN A 616 8.92 4.24 -6.57
CA ASN A 616 7.80 3.75 -7.32
C ASN A 616 7.76 2.21 -7.41
N LYS A 617 8.20 1.52 -6.37
CA LYS A 617 8.08 0.05 -6.33
C LYS A 617 7.36 -0.47 -5.08
N ILE A 618 6.83 -1.71 -5.16
CA ILE A 618 6.72 -2.57 -4.01
C ILE A 618 7.87 -3.59 -4.07
N ASN A 619 8.69 -3.63 -3.01
CA ASN A 619 9.82 -4.54 -2.82
C ASN A 619 9.54 -5.54 -1.73
N ALA A 620 9.43 -6.82 -2.09
CA ALA A 620 9.23 -7.87 -1.09
C ALA A 620 10.56 -8.53 -0.86
N ILE A 621 11.05 -8.38 0.36
CA ILE A 621 12.40 -8.82 0.71
C ILE A 621 12.30 -10.04 1.60
N PHE A 622 12.52 -11.25 1.03
CA PHE A 622 12.46 -12.50 1.84
C PHE A 622 13.77 -12.80 2.57
N ALA A 623 13.73 -13.03 3.87
CA ALA A 623 14.90 -13.38 4.60
C ALA A 623 14.49 -14.18 5.81
N GLY A 624 15.31 -15.17 6.18
CA GLY A 624 15.09 -15.93 7.38
C GLY A 624 15.70 -15.20 8.54
N LYS A 625 15.08 -15.33 9.73
CA LYS A 625 15.59 -14.76 10.93
C LYS A 625 16.30 -15.79 11.81
N GLN A 626 16.20 -17.09 11.46
CA GLN A 626 16.89 -18.13 12.22
C GLN A 626 18.42 -18.05 12.07
N PRO A 627 19.18 -18.51 13.08
CA PRO A 627 20.63 -18.67 12.88
C PRO A 627 20.95 -19.50 11.63
N ALA A 628 21.83 -18.96 10.78
CA ALA A 628 22.04 -19.56 9.44
C ALA A 628 23.45 -19.24 8.90
N PRO A 629 23.95 -20.05 7.95
CA PRO A 629 25.23 -19.74 7.27
C PRO A 629 25.18 -18.47 6.44
N THR A 630 26.33 -17.79 6.35
CA THR A 630 26.52 -16.71 5.41
C THR A 630 27.34 -17.25 4.23
N TRP A 631 26.83 -17.05 3.04
CA TRP A 631 27.37 -17.70 1.84
C TRP A 631 28.32 -16.82 1.01
N VAL A 632 27.97 -15.53 0.85
CA VAL A 632 28.69 -14.58 -0.03
C VAL A 632 29.26 -13.41 0.78
N THR A 633 30.26 -12.75 0.21
CA THR A 633 30.84 -11.54 0.82
C THR A 633 29.90 -10.41 0.40
N LEU A 634 30.07 -9.22 0.94
CA LEU A 634 29.20 -8.09 0.47
C LEU A 634 29.47 -7.69 -1.00
N ASP A 635 30.77 -7.62 -1.37
CA ASP A 635 31.07 -7.33 -2.81
C ASP A 635 30.48 -8.36 -3.69
N GLU A 636 30.54 -9.63 -3.30
CA GLU A 636 29.89 -10.65 -4.13
C GLU A 636 28.35 -10.45 -4.22
N ALA A 637 27.74 -10.17 -3.06
CA ALA A 637 26.26 -9.92 -3.03
C ALA A 637 25.90 -8.79 -3.96
N ARG A 638 26.66 -7.67 -3.88
CA ARG A 638 26.39 -6.50 -4.82
C ARG A 638 26.43 -6.88 -6.28
N ALA A 639 27.46 -7.66 -6.68
CA ALA A 639 27.50 -8.08 -8.13
C ALA A 639 26.36 -9.06 -8.42
N GLU A 640 26.16 -10.00 -7.49
CA GLU A 640 25.15 -11.05 -7.82
C GLU A 640 23.72 -10.52 -7.86
N LEU A 641 23.45 -9.61 -6.94
CA LEU A 641 22.11 -8.93 -6.94
C LEU A 641 21.80 -8.27 -8.26
N GLU A 642 22.75 -7.47 -8.78
CA GLU A 642 22.60 -6.84 -10.11
C GLU A 642 22.32 -7.77 -11.26
N ALA A 643 22.99 -8.93 -11.28
CA ALA A 643 22.68 -9.90 -12.35
C ALA A 643 21.31 -10.54 -12.12
N GLY A 644 21.00 -10.78 -10.84
CA GLY A 644 19.67 -11.40 -10.54
C GLY A 644 19.82 -12.85 -10.18
N ALA A 645 20.71 -13.55 -10.88
CA ALA A 645 21.04 -14.98 -10.62
C ALA A 645 22.54 -15.10 -10.84
N ALA A 646 23.22 -15.93 -10.07
CA ALA A 646 24.64 -16.01 -10.31
C ALA A 646 25.16 -17.45 -10.11
N GLU A 647 26.17 -17.81 -10.90
CA GLU A 647 26.89 -19.07 -10.58
C GLU A 647 27.75 -18.86 -9.40
N TRP A 648 27.76 -19.79 -8.47
CA TRP A 648 28.82 -19.75 -7.44
C TRP A 648 29.99 -20.73 -7.86
N LYS A 649 30.95 -20.18 -8.63
CA LYS A 649 32.10 -20.90 -9.18
C LYS A 649 32.88 -21.57 -8.10
N TRP A 650 33.01 -20.97 -6.92
CA TRP A 650 33.76 -21.62 -5.86
C TRP A 650 33.04 -22.88 -5.33
N ALA A 651 31.77 -23.06 -5.70
CA ALA A 651 30.99 -24.21 -5.25
C ALA A 651 30.81 -25.24 -6.36
N SER A 652 30.71 -24.80 -7.59
CA SER A 652 30.65 -25.72 -8.73
C SER A 652 32.00 -26.56 -8.80
N ASN A 653 31.94 -27.76 -9.35
CA ASN A 653 33.16 -28.60 -9.53
C ASN A 653 33.38 -28.96 -11.01
N ALA A 654 32.40 -28.66 -11.83
CA ALA A 654 32.48 -28.80 -13.27
C ALA A 654 33.37 -27.71 -13.98
N GLU A 655 34.09 -28.17 -15.03
CA GLU A 655 35.02 -27.36 -15.85
C GLU A 655 34.29 -26.30 -16.61
N ASN A 656 33.18 -26.70 -17.23
CA ASN A 656 32.40 -25.91 -18.13
C ASN A 656 31.02 -26.54 -18.12
N ASN A 657 30.08 -25.94 -18.85
CA ASN A 657 28.72 -26.42 -18.92
C ASN A 657 28.55 -27.82 -19.56
N ASP A 658 29.54 -28.23 -20.37
CA ASP A 658 29.40 -29.50 -21.09
C ASP A 658 29.75 -30.60 -20.13
N GLU A 659 30.69 -30.32 -19.23
CA GLU A 659 31.02 -31.27 -18.18
C GLU A 659 29.89 -31.45 -17.09
N VAL A 660 28.89 -30.55 -17.04
CA VAL A 660 27.88 -30.54 -15.97
C VAL A 660 26.90 -31.68 -16.10
N GLN A 661 26.82 -32.52 -15.07
CA GLN A 661 25.71 -33.53 -15.07
C GLN A 661 24.34 -32.98 -14.57
N VAL A 662 24.39 -32.06 -13.62
CA VAL A 662 23.16 -31.40 -13.14
C VAL A 662 23.47 -29.96 -12.69
N VAL A 663 22.55 -29.06 -13.04
CA VAL A 663 22.55 -27.69 -12.44
C VAL A 663 21.83 -27.75 -11.07
N LEU A 664 22.58 -27.47 -10.03
CA LEU A 664 21.99 -27.21 -8.69
C LEU A 664 21.65 -25.70 -8.52
N ALA A 665 20.37 -25.39 -8.53
CA ALA A 665 19.90 -24.03 -8.40
C ALA A 665 18.94 -23.90 -7.18
N SER A 666 19.08 -22.78 -6.45
CA SER A 666 18.15 -22.51 -5.32
C SER A 666 17.74 -21.00 -5.18
N ALA A 667 16.55 -20.73 -4.64
CA ALA A 667 16.19 -19.37 -4.20
C ALA A 667 15.61 -19.50 -2.77
N GLY A 668 16.23 -18.81 -1.81
CA GLY A 668 15.80 -18.77 -0.40
C GLY A 668 16.91 -19.20 0.51
N ASP A 669 16.95 -18.69 1.72
CA ASP A 669 17.98 -19.12 2.62
C ASP A 669 17.96 -20.65 2.92
N VAL A 670 16.77 -21.20 3.13
CA VAL A 670 16.71 -22.56 3.60
C VAL A 670 16.99 -23.53 2.43
N PRO A 671 16.26 -23.39 1.32
CA PRO A 671 16.56 -24.18 0.11
C PRO A 671 18.06 -24.13 -0.29
N THR A 672 18.73 -23.01 -0.05
CA THR A 672 20.10 -22.81 -0.39
C THR A 672 20.95 -23.62 0.56
N GLN A 673 20.71 -23.50 1.88
CA GLN A 673 21.44 -24.31 2.79
C GLN A 673 21.38 -25.83 2.43
N GLU A 674 20.17 -26.30 2.10
CA GLU A 674 19.95 -27.72 1.87
C GLU A 674 20.62 -28.15 0.51
N LEU A 675 20.47 -27.33 -0.54
CA LEU A 675 21.13 -27.55 -1.84
C LEU A 675 22.66 -27.61 -1.66
N MET A 676 23.19 -26.68 -0.88
CA MET A 676 24.60 -26.63 -0.64
C MET A 676 25.14 -27.92 0.02
N ALA A 677 24.44 -28.38 1.05
CA ALA A 677 24.77 -29.63 1.69
C ALA A 677 24.68 -30.79 0.69
N ALA A 678 23.64 -30.80 -0.15
CA ALA A 678 23.51 -31.78 -1.21
C ALA A 678 24.75 -31.73 -2.18
N SER A 679 25.17 -30.51 -2.58
CA SER A 679 26.36 -30.34 -3.47
C SER A 679 27.64 -30.96 -2.85
N ASP A 680 27.82 -30.84 -1.54
CA ASP A 680 28.93 -31.37 -0.82
C ASP A 680 28.91 -32.92 -0.94
N ALA A 681 27.77 -33.53 -0.64
CA ALA A 681 27.62 -34.97 -0.84
C ALA A 681 27.83 -35.40 -2.33
N LEU A 682 27.22 -34.69 -3.25
CA LEU A 682 27.35 -35.02 -4.64
C LEU A 682 28.85 -34.91 -5.10
N ASN A 683 29.55 -33.86 -4.66
CA ASN A 683 30.98 -33.70 -4.93
C ASN A 683 31.70 -35.01 -4.51
N LYS A 684 31.46 -35.40 -3.26
CA LYS A 684 32.11 -36.56 -2.65
C LYS A 684 31.81 -37.91 -3.40
N MET A 685 30.71 -37.98 -4.14
CA MET A 685 30.41 -39.13 -4.99
C MET A 685 31.04 -39.06 -6.39
N GLY A 686 31.76 -37.97 -6.71
CA GLY A 686 32.32 -37.72 -8.08
C GLY A 686 31.29 -37.28 -9.10
N ILE A 687 30.12 -36.79 -8.65
CA ILE A 687 29.14 -36.15 -9.55
C ILE A 687 29.67 -34.74 -9.95
N LYS A 688 29.50 -34.39 -11.25
CA LYS A 688 29.89 -33.08 -11.79
C LYS A 688 28.63 -32.19 -11.95
N PHE A 689 28.75 -30.98 -11.44
CA PHE A 689 27.60 -30.06 -11.38
C PHE A 689 28.09 -28.63 -11.29
N LYS A 690 27.17 -27.69 -11.53
CA LYS A 690 27.37 -26.32 -11.14
C LYS A 690 26.27 -25.88 -10.13
N VAL A 691 26.65 -24.90 -9.29
CA VAL A 691 25.70 -24.24 -8.34
C VAL A 691 25.31 -22.81 -8.82
N VAL A 692 24.00 -22.58 -9.01
CA VAL A 692 23.47 -21.27 -9.39
C VAL A 692 22.56 -20.75 -8.18
N ASN A 693 22.84 -19.57 -7.64
CA ASN A 693 21.91 -18.94 -6.67
C ASN A 693 20.99 -17.89 -7.30
N VAL A 694 19.69 -17.87 -6.94
CA VAL A 694 18.74 -16.96 -7.55
C VAL A 694 18.27 -16.00 -6.41
N VAL A 695 18.45 -14.69 -6.66
CA VAL A 695 18.09 -13.59 -5.75
C VAL A 695 16.94 -12.75 -6.26
N ASP A 696 17.07 -12.25 -7.49
CA ASP A 696 16.00 -11.44 -8.10
C ASP A 696 15.11 -12.22 -9.02
N LEU A 697 14.05 -12.77 -8.41
CA LEU A 697 13.26 -13.81 -9.05
C LEU A 697 12.80 -13.44 -10.44
N LEU A 698 12.25 -12.25 -10.60
CA LEU A 698 11.56 -11.95 -11.88
C LEU A 698 12.58 -11.82 -13.05
N LYS A 699 13.87 -11.70 -12.71
CA LYS A 699 14.91 -11.71 -13.75
C LYS A 699 15.02 -13.08 -14.46
N LEU A 700 14.30 -14.11 -13.95
CA LEU A 700 14.10 -15.37 -14.66
C LEU A 700 13.08 -15.29 -15.80
N GLN A 701 12.24 -14.27 -15.82
CA GLN A 701 11.27 -14.24 -16.86
C GLN A 701 11.99 -14.02 -18.20
N SER A 702 11.31 -14.29 -19.29
CA SER A 702 11.88 -13.89 -20.61
C SER A 702 11.87 -12.38 -20.87
N ARG A 703 12.82 -11.91 -21.74
CA ARG A 703 12.88 -10.54 -22.18
C ARG A 703 11.62 -10.05 -22.76
N GLU A 704 10.90 -10.93 -23.44
CA GLU A 704 9.61 -10.52 -23.98
C GLU A 704 8.58 -10.07 -22.87
N ASN A 705 8.67 -10.70 -21.70
CA ASN A 705 7.73 -10.41 -20.57
C ASN A 705 8.38 -9.44 -19.62
N ASN A 706 9.68 -9.32 -19.69
CA ASN A 706 10.42 -8.46 -18.80
C ASN A 706 11.74 -7.94 -19.41
N ASP A 707 11.67 -6.73 -19.97
CA ASP A 707 12.80 -6.11 -20.68
C ASP A 707 14.00 -5.77 -19.78
N GLU A 708 13.93 -6.14 -18.50
CA GLU A 708 15.13 -6.04 -17.67
C GLU A 708 15.64 -7.37 -17.18
N ALA A 709 14.99 -8.47 -17.56
CA ALA A 709 15.45 -9.83 -17.17
C ALA A 709 16.83 -10.24 -17.78
N LEU A 710 17.37 -11.39 -17.35
CA LEU A 710 18.52 -12.05 -18.07
C LEU A 710 18.20 -12.26 -19.53
N THR A 711 19.13 -11.95 -20.43
CA THR A 711 18.90 -12.26 -21.87
C THR A 711 18.90 -13.79 -22.00
N ASP A 712 18.26 -14.34 -23.03
CA ASP A 712 18.39 -15.83 -23.26
C ASP A 712 19.82 -16.35 -23.18
N GLU A 713 20.77 -15.53 -23.62
CA GLU A 713 22.15 -15.95 -23.58
C GLU A 713 22.75 -16.02 -22.19
N GLU A 714 22.42 -15.06 -21.33
CA GLU A 714 22.96 -15.14 -19.97
C GLU A 714 22.26 -16.27 -19.22
N PHE A 715 21.03 -16.53 -19.60
CA PHE A 715 20.20 -17.52 -18.89
C PHE A 715 20.74 -18.96 -19.23
N THR A 716 20.88 -19.24 -20.53
CA THR A 716 21.57 -20.48 -20.96
C THR A 716 22.96 -20.59 -20.33
N GLU A 717 23.74 -19.54 -20.35
CA GLU A 717 25.01 -19.62 -19.70
C GLU A 717 24.88 -20.13 -18.25
N LEU A 718 23.84 -19.64 -17.54
CA LEU A 718 23.70 -20.04 -16.12
C LEU A 718 23.20 -21.47 -16.06
N PHE A 719 22.13 -21.74 -16.80
CA PHE A 719 21.37 -22.97 -16.54
C PHE A 719 21.64 -24.11 -17.57
N THR A 720 22.53 -23.82 -18.54
CA THR A 720 22.94 -24.71 -19.66
C THR A 720 21.88 -24.80 -20.72
N ALA A 721 22.27 -25.33 -21.91
CA ALA A 721 21.34 -25.44 -23.02
C ALA A 721 20.51 -26.69 -22.83
N ASP A 722 21.08 -27.66 -22.13
CA ASP A 722 20.34 -28.93 -22.10
C ASP A 722 20.65 -29.93 -21.00
N LYS A 723 21.37 -29.52 -19.98
CA LYS A 723 21.49 -30.39 -18.83
C LYS A 723 20.25 -30.25 -17.87
N PRO A 724 19.92 -31.33 -17.12
CA PRO A 724 18.84 -31.22 -16.09
C PRO A 724 19.20 -30.18 -15.02
N VAL A 725 18.15 -29.46 -14.57
CA VAL A 725 18.31 -28.44 -13.51
C VAL A 725 17.48 -28.82 -12.27
N LEU A 726 18.12 -28.98 -11.13
CA LEU A 726 17.34 -29.18 -9.92
C LEU A 726 17.21 -27.78 -9.34
N PHE A 727 15.95 -27.30 -9.27
CA PHE A 727 15.67 -25.96 -8.65
C PHE A 727 14.91 -26.06 -7.30
N ALA A 728 15.60 -25.78 -6.20
CA ALA A 728 15.07 -25.81 -4.83
C ALA A 728 14.52 -24.41 -4.52
N TYR A 729 13.18 -24.29 -4.54
CA TYR A 729 12.51 -22.96 -4.43
C TYR A 729 11.84 -22.73 -3.05
N HIS A 730 12.01 -21.55 -2.52
CA HIS A 730 11.51 -21.21 -1.19
C HIS A 730 9.96 -21.33 -1.12
N SER A 731 9.29 -20.96 -2.16
CA SER A 731 7.85 -20.91 -2.14
C SER A 731 7.18 -21.99 -3.03
N TYR A 732 6.05 -21.72 -3.67
CA TYR A 732 5.33 -22.76 -4.40
C TYR A 732 5.95 -22.94 -5.82
N ALA A 733 6.20 -24.21 -6.20
CA ALA A 733 6.96 -24.48 -7.43
C ALA A 733 6.22 -23.92 -8.65
N GLN A 734 4.88 -23.90 -8.60
CA GLN A 734 4.07 -23.21 -9.58
C GLN A 734 4.68 -21.89 -10.08
N ASP A 735 5.21 -21.10 -9.15
CA ASP A 735 5.65 -19.75 -9.47
C ASP A 735 6.75 -19.91 -10.57
N VAL A 736 7.82 -20.62 -10.24
CA VAL A 736 9.00 -20.75 -11.13
C VAL A 736 8.61 -21.41 -12.48
N ARG A 737 7.73 -22.42 -12.40
CA ARG A 737 7.26 -23.10 -13.63
C ARG A 737 6.55 -22.16 -14.55
N GLY A 738 5.66 -21.32 -13.98
CA GLY A 738 5.00 -20.33 -14.84
C GLY A 738 5.96 -19.26 -15.40
N LEU A 739 6.94 -18.86 -14.61
CA LEU A 739 7.79 -17.76 -15.02
C LEU A 739 8.75 -18.17 -16.19
N ILE A 740 9.21 -19.43 -16.19
CA ILE A 740 10.27 -19.79 -17.13
C ILE A 740 9.66 -20.56 -18.32
N TYR A 741 8.35 -20.45 -18.53
CA TYR A 741 7.67 -21.25 -19.57
C TYR A 741 8.22 -21.11 -21.02
N ASP A 742 8.89 -19.99 -21.31
CA ASP A 742 9.31 -19.72 -22.70
C ASP A 742 10.84 -19.54 -22.70
N ARG A 743 11.51 -19.99 -21.63
CA ARG A 743 12.96 -19.97 -21.57
C ARG A 743 13.59 -21.23 -22.21
N PRO A 744 14.81 -21.06 -22.82
CA PRO A 744 15.56 -22.21 -23.32
C PRO A 744 15.83 -23.14 -22.16
N ASN A 745 15.58 -24.43 -22.40
CA ASN A 745 15.89 -25.52 -21.45
C ASN A 745 14.86 -25.68 -20.28
N HIS A 746 13.73 -25.00 -20.37
CA HIS A 746 12.74 -25.01 -19.28
C HIS A 746 12.21 -26.42 -19.00
N ASP A 747 12.10 -27.27 -20.06
CA ASP A 747 11.60 -28.66 -19.94
C ASP A 747 12.51 -29.51 -19.04
N ASN A 748 13.76 -29.08 -18.87
CA ASN A 748 14.70 -29.83 -18.02
C ASN A 748 14.82 -29.36 -16.55
N PHE A 749 14.07 -28.31 -16.19
CA PHE A 749 14.00 -27.88 -14.74
C PHE A 749 13.08 -28.82 -13.93
N HIS A 750 13.55 -29.26 -12.79
CA HIS A 750 12.66 -29.94 -11.88
C HIS A 750 12.55 -29.02 -10.64
N VAL A 751 11.40 -28.35 -10.49
CA VAL A 751 11.27 -27.34 -9.39
C VAL A 751 10.71 -28.00 -8.13
N VAL A 752 11.45 -27.93 -7.04
CA VAL A 752 10.97 -28.49 -5.81
C VAL A 752 10.61 -27.17 -4.97
N GLY A 753 9.39 -27.10 -4.49
CA GLY A 753 8.92 -26.00 -3.64
C GLY A 753 8.13 -26.46 -2.40
N TYR A 754 7.59 -25.50 -1.65
CA TYR A 754 6.73 -25.84 -0.51
C TYR A 754 5.46 -26.46 -1.05
N LYS A 755 5.02 -27.54 -0.41
CA LYS A 755 3.83 -28.30 -0.94
C LYS A 755 2.74 -28.62 0.12
N GLU A 756 2.53 -27.64 1.02
CA GLU A 756 1.47 -27.69 2.05
C GLU A 756 1.72 -28.88 2.95
N GLN A 757 2.99 -29.06 3.35
CA GLN A 757 3.31 -30.12 4.28
C GLN A 757 4.08 -29.49 5.38
N GLY A 758 3.74 -29.83 6.62
CA GLY A 758 4.51 -29.37 7.74
C GLY A 758 3.67 -29.41 9.00
N SER A 759 4.31 -29.12 10.13
CA SER A 759 3.57 -28.86 11.36
C SER A 759 4.47 -28.22 12.39
N THR A 760 4.19 -28.42 13.66
CA THR A 760 5.07 -27.92 14.71
C THR A 760 6.14 -28.98 14.93
N THR A 761 7.36 -28.75 14.45
CA THR A 761 8.31 -29.88 14.41
C THR A 761 9.74 -29.37 14.29
N THR A 762 10.71 -30.24 13.99
CA THR A 762 12.09 -29.78 14.05
C THR A 762 12.43 -29.20 12.69
N PRO A 763 13.56 -28.50 12.62
CA PRO A 763 13.87 -27.93 11.33
C PRO A 763 14.08 -29.03 10.22
N PHE A 764 14.70 -30.14 10.57
CA PHE A 764 14.88 -31.18 9.51
C PHE A 764 13.57 -31.73 9.04
N ASP A 765 12.68 -31.96 9.99
CA ASP A 765 11.38 -32.52 9.61
C ASP A 765 10.65 -31.60 8.64
N MET A 766 10.75 -30.29 8.87
CA MET A 766 9.99 -29.33 8.02
C MET A 766 10.51 -29.44 6.54
N VAL A 767 11.83 -29.45 6.35
CA VAL A 767 12.29 -29.61 4.94
C VAL A 767 11.97 -31.05 4.41
N ARG A 768 12.15 -32.06 5.28
CA ARG A 768 11.82 -33.46 4.92
C ARG A 768 10.46 -33.66 4.27
N VAL A 769 9.41 -33.12 4.90
CA VAL A 769 8.07 -33.47 4.46
C VAL A 769 7.77 -32.79 3.14
N ASN A 770 8.59 -31.81 2.77
CA ASN A 770 8.36 -31.18 1.46
C ASN A 770 9.40 -31.64 0.38
N ASP A 771 10.20 -32.67 0.70
CA ASP A 771 11.26 -33.19 -0.21
C ASP A 771 12.32 -32.14 -0.47
N MET A 772 12.60 -31.33 0.59
CA MET A 772 13.44 -30.14 0.45
C MET A 772 14.74 -30.32 1.21
N ASP A 773 14.79 -31.33 2.05
CA ASP A 773 15.97 -31.56 2.85
C ASP A 773 17.14 -32.01 1.86
N ARG A 774 18.37 -31.87 2.35
CA ARG A 774 19.57 -32.14 1.51
C ARG A 774 19.60 -33.55 0.92
N TYR A 775 19.07 -34.49 1.70
CA TYR A 775 19.11 -35.89 1.34
C TYR A 775 18.14 -36.09 0.20
N ALA A 776 16.94 -35.53 0.34
CA ALA A 776 16.00 -35.60 -0.79
C ALA A 776 16.46 -34.79 -1.99
N LEU A 777 17.25 -33.73 -1.76
CA LEU A 777 17.72 -32.95 -2.94
C LEU A 777 18.85 -33.79 -3.67
N GLN A 778 19.80 -34.31 -2.91
CA GLN A 778 20.77 -35.25 -3.43
C GLN A 778 20.09 -36.37 -4.23
N ALA A 779 19.07 -37.01 -3.68
CA ALA A 779 18.30 -38.03 -4.45
C ALA A 779 17.66 -37.59 -5.76
N ALA A 780 16.98 -36.45 -5.71
CA ALA A 780 16.39 -35.91 -6.91
C ALA A 780 17.53 -35.62 -7.94
N ALA A 781 18.70 -35.19 -7.48
CA ALA A 781 19.75 -34.85 -8.41
C ALA A 781 20.13 -36.17 -9.11
N LEU A 782 20.49 -37.20 -8.30
CA LEU A 782 20.74 -38.57 -8.81
C LEU A 782 19.66 -39.08 -9.73
N LYS A 783 18.39 -38.86 -9.41
CA LYS A 783 17.28 -39.35 -10.28
C LYS A 783 17.27 -38.71 -11.68
N LEU A 784 17.70 -37.45 -11.72
CA LEU A 784 17.64 -36.69 -12.93
C LEU A 784 18.80 -37.10 -13.90
N ILE A 785 19.96 -37.41 -13.30
CA ILE A 785 21.17 -37.88 -13.97
C ILE A 785 21.03 -39.33 -14.51
N ASP A 786 20.85 -40.32 -13.59
CA ASP A 786 20.60 -41.72 -14.02
C ASP A 786 19.78 -42.52 -13.00
N ALA A 787 18.46 -42.61 -13.18
CA ALA A 787 17.62 -43.22 -12.11
C ALA A 787 17.96 -44.70 -11.92
N ASP A 788 18.24 -45.40 -13.03
CA ASP A 788 18.56 -46.81 -12.98
C ASP A 788 19.84 -47.03 -12.22
N LYS A 789 20.88 -46.28 -12.59
CA LYS A 789 22.19 -46.50 -12.00
C LYS A 789 22.15 -46.17 -10.54
N TYR A 790 21.39 -45.13 -10.18
CA TYR A 790 21.42 -44.68 -8.80
C TYR A 790 20.30 -45.20 -7.90
N ALA A 791 19.50 -46.17 -8.38
CA ALA A 791 18.36 -46.72 -7.62
C ALA A 791 18.70 -47.04 -6.17
N ASP A 792 19.80 -47.74 -5.96
CA ASP A 792 20.09 -48.14 -4.61
C ASP A 792 20.44 -46.95 -3.75
N LYS A 793 21.24 -46.02 -4.30
CA LYS A 793 21.71 -44.90 -3.49
C LYS A 793 20.51 -44.00 -3.04
N ILE A 794 19.58 -43.81 -3.95
CA ILE A 794 18.35 -43.07 -3.74
C ILE A 794 17.61 -43.72 -2.57
N ASP A 795 17.40 -45.06 -2.65
CA ASP A 795 16.85 -45.84 -1.55
C ASP A 795 17.56 -45.63 -0.27
N GLU A 796 18.90 -45.63 -0.27
CA GLU A 796 19.62 -45.43 0.96
C GLU A 796 19.38 -43.99 1.53
N LEU A 797 19.31 -43.02 0.62
CA LEU A 797 19.03 -41.63 1.04
C LEU A 797 17.60 -41.48 1.64
N ASN A 798 16.58 -42.00 0.99
CA ASN A 798 15.21 -42.06 1.52
C ASN A 798 15.12 -42.74 2.88
N ALA A 799 15.97 -43.75 3.10
CA ALA A 799 15.99 -44.47 4.32
C ALA A 799 16.70 -43.66 5.31
N PHE A 800 17.80 -42.98 4.93
CA PHE A 800 18.35 -42.09 5.92
C PHE A 800 17.38 -40.94 6.46
N ARG A 801 16.50 -40.48 5.62
CA ARG A 801 15.57 -39.41 5.98
C ARG A 801 14.62 -39.98 7.07
N LYS A 802 14.11 -41.21 6.87
CA LYS A 802 13.33 -41.93 7.92
C LYS A 802 14.12 -42.11 9.21
N LYS A 803 15.38 -42.53 9.14
CA LYS A 803 16.17 -42.63 10.34
C LYS A 803 16.32 -41.25 11.01
N ALA A 804 16.48 -40.19 10.24
CA ALA A 804 16.72 -38.90 10.87
C ALA A 804 15.41 -38.42 11.58
N PHE A 805 14.29 -38.71 10.95
CA PHE A 805 12.98 -38.39 11.48
C PHE A 805 12.76 -39.12 12.79
N GLN A 806 13.04 -40.45 12.78
CA GLN A 806 12.87 -41.25 13.97
C GLN A 806 13.74 -40.77 15.07
N PHE A 807 14.95 -40.36 14.73
CA PHE A 807 15.78 -39.86 15.71
C PHE A 807 15.13 -38.62 16.36
N ALA A 808 14.56 -37.72 15.55
CA ALA A 808 13.92 -36.48 16.12
C ALA A 808 12.76 -36.89 17.09
N VAL A 809 11.90 -37.79 16.59
CA VAL A 809 10.83 -38.41 17.42
C VAL A 809 11.28 -38.98 18.74
N ASP A 810 12.38 -39.74 18.73
CA ASP A 810 12.79 -40.45 19.92
C ASP A 810 13.52 -39.54 20.83
N ASN A 811 14.26 -38.58 20.27
CA ASN A 811 15.22 -37.87 21.09
C ASN A 811 14.83 -36.44 21.42
N GLY A 812 14.01 -35.79 20.61
CA GLY A 812 13.58 -34.42 20.90
C GLY A 812 14.33 -33.31 20.15
N TYR A 813 15.32 -33.70 19.34
CA TYR A 813 16.16 -32.74 18.60
C TYR A 813 16.72 -33.45 17.31
N ASP A 814 17.25 -32.70 16.36
CA ASP A 814 17.59 -33.31 15.09
C ASP A 814 18.95 -34.05 15.17
N ILE A 815 19.11 -35.03 14.29
CA ILE A 815 20.34 -35.88 14.29
C ILE A 815 21.60 -35.00 14.12
N PRO A 816 22.66 -35.18 14.96
CA PRO A 816 23.80 -34.25 14.86
C PRO A 816 24.41 -34.18 13.43
N GLU A 817 24.44 -35.29 12.72
CA GLU A 817 25.04 -35.23 11.41
C GLU A 817 24.28 -34.20 10.52
N PHE A 818 22.98 -34.02 10.78
CA PHE A 818 22.25 -32.95 10.10
C PHE A 818 22.59 -31.56 10.64
N THR A 819 22.48 -31.38 11.94
CA THR A 819 22.55 -30.04 12.47
C THR A 819 23.99 -29.50 12.44
N ASP A 820 24.96 -30.40 12.61
CA ASP A 820 26.35 -30.02 12.80
C ASP A 820 27.16 -29.78 11.51
N TRP A 821 26.54 -30.06 10.36
CA TRP A 821 27.19 -29.91 9.07
C TRP A 821 27.50 -28.48 8.76
N VAL A 822 28.74 -28.25 8.28
CA VAL A 822 29.22 -26.90 7.87
C VAL A 822 29.86 -27.09 6.48
N TYR A 823 29.67 -26.15 5.56
CA TYR A 823 30.20 -26.31 4.20
C TYR A 823 31.74 -26.46 4.26
N PRO A 824 32.31 -27.37 3.46
CA PRO A 824 33.77 -27.68 3.60
C PRO A 824 34.75 -26.48 3.49
N ASP A 825 34.33 -25.42 2.76
CA ASP A 825 35.16 -24.19 2.68
C ASP A 825 35.49 -23.50 4.02
N VAL A 826 34.73 -23.73 5.10
CA VAL A 826 34.97 -22.92 6.32
C VAL A 826 36.26 -23.35 7.01
MG MG B . -23.09 5.66 2.75
N1' TPP C . -15.97 -4.25 -0.78
C2' TPP C . -14.90 -3.38 -0.69
CM2 TPP C . -13.75 -3.66 0.22
N3' TPP C . -14.80 -2.26 -1.39
C4' TPP C . -15.87 -1.98 -2.23
N4' TPP C . -15.81 -0.88 -3.01
C5' TPP C . -16.99 -2.85 -2.37
C6' TPP C . -16.97 -4.00 -1.59
C7' TPP C . -18.21 -2.62 -3.31
N3 TPP C . -18.67 -1.22 -3.09
C2 TPP C . -18.24 -0.04 -3.94
S1 TPP C . -19.26 1.34 -3.14
C5 TPP C . -20.03 0.33 -2.02
C4 TPP C . -19.61 -0.96 -2.14
CM4 TPP C . -20.26 -2.03 -1.28
C6 TPP C . -21.04 0.96 -1.02
C7 TPP C . -20.27 2.06 -0.24
O7 TPP C . -21.21 2.70 0.65
PA TPP C . -20.76 3.92 1.53
O1A TPP C . -19.43 3.66 2.01
O2A TPP C . -21.87 4.18 2.57
O3A TPP C . -20.55 5.09 0.55
PB TPP C . -21.71 6.14 -0.03
O1B TPP C . -23.03 5.95 0.74
O2B TPP C . -21.88 6.04 -1.59
O3B TPP C . -21.10 7.48 0.39
C1 EDO D . 25.64 -27.79 -22.22
O1 EDO D . 24.24 -28.14 -22.36
C2 EDO D . 25.95 -26.37 -22.69
O2 EDO D . 25.14 -25.35 -22.01
C1 EDO E . 30.97 -24.40 -14.26
O1 EDO E . 31.99 -23.41 -14.00
C2 EDO E . 30.29 -24.26 -15.63
O2 EDO E . 29.89 -22.89 -15.89
C1 EDO F . -23.81 24.46 -28.10
O1 EDO F . -24.86 25.45 -28.13
C2 EDO F . -24.32 23.12 -28.58
O2 EDO F . -25.69 23.42 -28.95
C1 EDO G . -26.74 11.07 23.06
O1 EDO G . -25.41 11.15 23.60
C2 EDO G . -26.73 11.63 21.65
O2 EDO G . -26.28 12.99 21.72
C1 EDO H . -14.22 15.60 -26.75
O1 EDO H . -15.44 15.44 -26.02
C2 EDO H . -14.58 16.08 -28.17
O2 EDO H . -15.15 17.39 -28.11
C1 EDO I . -3.27 2.26 -16.28
O1 EDO I . -3.34 1.69 -17.61
C2 EDO I . -4.64 2.57 -15.66
O2 EDO I . -5.63 2.52 -16.67
C1 EDO J . -34.80 13.72 2.48
O1 EDO J . -34.89 13.01 1.25
C2 EDO J . -35.72 12.88 3.34
O2 EDO J . -35.21 11.53 3.40
C1 EDO K . -32.43 12.95 10.57
O1 EDO K . -33.15 13.14 11.80
C2 EDO K . -32.83 11.63 9.91
O2 EDO K . -31.94 10.69 10.48
C1 EDO L . 24.35 -40.41 5.52
O1 EDO L . 25.20 -39.38 6.02
C2 EDO L . 23.42 -39.73 4.57
O2 EDO L . 23.71 -40.28 3.28
C1 EDO M . 8.14 -3.54 25.62
O1 EDO M . 8.81 -2.88 24.55
C2 EDO M . 6.76 -2.87 25.76
O2 EDO M . 7.05 -1.48 26.11
C1 EDO N . 3.85 -12.51 -15.81
O1 EDO N . 4.61 -11.34 -16.21
C2 EDO N . 3.68 -13.55 -16.92
O2 EDO N . 2.80 -13.03 -17.93
#